data_9ELA
#
_entry.id   9ELA
#
_cell.length_a   119.538
_cell.length_b   179.135
_cell.length_c   234.797
_cell.angle_alpha   90.00
_cell.angle_beta   90.00
_cell.angle_gamma   90.00
#
_symmetry.space_group_name_H-M   'I 2 2 2'
#
loop_
_entity.id
_entity.type
_entity.pdbx_description
1 polymer 'Lysine-specific histone demethylase 1A'
2 polymer 'REST corepressor 1'
3 non-polymer '[(2R,3S,4R,5R)-5-(6-amino-9H-purin-9-yl)-3,4-dihydroxyoxolan-2-yl]methyl (2R,3S,4S)-2,3,4-trihydroxy-5-[(1R,3R,3aS,13R)-1-hydroxy-10,11-dimethyl-4,6-dioxo-3-[3-(phenylcarbamoyl)phenyl]-2,3,5,6-tetrahydro-1H-benzo[g]pyrrolo[2,1-e]pteridin-8(4H)-yl]pentyl dihydrogen diphosphate'
#
loop_
_entity_poly.entity_id
_entity_poly.type
_entity_poly.pdbx_seq_one_letter_code
_entity_poly.pdbx_strand_id
1 'polypeptide(L)'
;GSSHHHHHHSSGLVPRGSHMLSGKKAAAAAAAAAAAATGTEAGPGTAGGSENGSEVAAQPAGLSGPAEVGPGAVGERTPR
KKEPPRASPPGGLAEPPGSAGPQAGPTVVPGSATPMETGIAETPEGRRTSRRKRAKVEYREMDESLANLSEDEYYSEEER
NAKAEKEKKLPPPPPQAPPEEENESEPEEPSGVEGAAFQSRLPHDRMTSQEAACFPDIISGPQQTQKVFLFIRNRTLQLW
LDNPKIQLTFEATLQQLEAPYNSDTVLVHRVHSYLERHGLINFGIYKRIKPLPTKKTGKVIIIGSGVSGLAAARQLQSFG
MDVTLLEARDRVGGRVATFRKGNYVADLGAMVVTGLGGNPMAVVSKQVNMELAKIKQKCPLYEANGQAVPKEKDEMVEQE
FNRLLEATSYLSHQLDFNVLNNKPVSLGQALEVVIQLQEKHVKDEQIEHWKKIVKTQEELKELLNKMVNLKEKIKELHQQ
YKEASEVKPPRDITAEFLVKSKHRDLTALCKEYDELAETQGKLEEKLQELEANPPSDVYLSSRDRQILDWHFANLEFANA
TPLSTLSLKHWDQDDDFEFTGSHLTVRNGYSCVPVALAEGLDIKLNTAVRQVRYTASGCEVIAVNTRSTSQTFIYKCDAV
LCTLPLGVLKQQPPAVQFVPPLPEWKTSAVQRMGFGNLNKVVLCFDRVFWDPSVNLFGHVGSTTASRGELFLFWNLYKAP
ILLALVAGEAAGIMENISDDVIVGRCLAILKGIFGSSAVPQPKETVVSRWRADPWARGSYSYVAAGSSGNDYDLMAQPIT
PGPSIPGAPQPIPRLFFAGEHTIRNYPATVHGALLSGLREAGRIADQFLGAMYTLPRQATPGVPAQQSPSM
;
A
2 'polypeptide(L)'
;GPLGSPEFRAKRKPPKGMFLSQEDVEAVSANATAATTVLRQLDMELVSVKRQIQNIKQTNSALKEKLDGGIEPYRLPEVI
QKCNARWTTEEQLLAVQAIRKYGRDFQAISDVIGNKSVVQVKNFFVNYRRRFNIDEVLQEWEAE
;
B
#
# COMPACT_ATOMS: atom_id res chain seq x y z
N PRO A 190 -2.94 27.41 6.48
CA PRO A 190 -3.96 28.38 6.88
C PRO A 190 -3.41 29.62 7.61
N SER A 191 -4.24 30.66 7.77
CA SER A 191 -3.78 31.97 8.22
C SER A 191 -4.83 32.66 9.10
N GLY A 192 -4.34 33.38 10.12
CA GLY A 192 -5.19 34.25 10.90
C GLY A 192 -5.68 33.62 12.20
N VAL A 193 -6.91 33.96 12.62
CA VAL A 193 -7.49 33.18 13.71
C VAL A 193 -7.85 31.79 13.20
N GLU A 194 -8.29 31.69 11.93
CA GLU A 194 -8.56 30.38 11.34
C GLU A 194 -7.33 29.47 11.36
N GLY A 195 -6.12 30.05 11.38
CA GLY A 195 -4.93 29.22 11.40
C GLY A 195 -4.59 28.74 12.78
N ALA A 196 -5.00 29.48 13.81
CA ALA A 196 -4.82 29.00 15.17
C ALA A 196 -5.65 27.75 15.44
N ALA A 197 -6.89 27.71 14.93
CA ALA A 197 -7.69 26.51 15.08
C ALA A 197 -7.05 25.32 14.38
N PHE A 198 -6.48 25.55 13.20
CA PHE A 198 -5.84 24.46 12.49
C PHE A 198 -4.60 23.98 13.25
N GLN A 199 -3.80 24.92 13.77
CA GLN A 199 -2.60 24.55 14.50
C GLN A 199 -2.93 23.96 15.87
N SER A 200 -4.18 24.04 16.32
CA SER A 200 -4.63 23.37 17.52
C SER A 200 -5.51 22.16 17.22
N ARG A 201 -5.45 21.67 15.98
CA ARG A 201 -6.19 20.48 15.54
C ARG A 201 -7.69 20.61 15.77
N LEU A 202 -8.23 21.83 15.65
CA LEU A 202 -9.66 22.11 15.81
C LEU A 202 -10.25 22.68 14.53
N PRO A 203 -11.48 22.31 14.18
CA PRO A 203 -12.18 23.01 13.09
C PRO A 203 -12.41 24.46 13.48
N HIS A 204 -12.10 25.38 12.56
CA HIS A 204 -12.25 26.81 12.87
C HIS A 204 -13.68 27.26 12.84
N ASP A 205 -14.59 26.52 12.19
CA ASP A 205 -15.92 27.01 11.91
C ASP A 205 -17.02 26.10 12.43
N ARG A 206 -16.70 25.18 13.34
CA ARG A 206 -17.75 24.47 14.06
C ARG A 206 -17.18 24.07 15.42
N MET A 207 -18.07 23.67 16.33
CA MET A 207 -17.64 23.34 17.68
C MET A 207 -17.52 21.83 17.84
N THR A 208 -16.47 21.41 18.53
CA THR A 208 -16.13 20.00 18.68
C THR A 208 -17.06 19.34 19.68
N SER A 209 -17.01 18.01 19.70
CA SER A 209 -17.76 17.26 20.70
C SER A 209 -17.35 17.68 22.12
N GLN A 210 -16.06 17.89 22.34
CA GLN A 210 -15.60 18.25 23.69
C GLN A 210 -16.23 19.55 24.15
N GLU A 211 -16.29 20.55 23.27
CA GLU A 211 -16.76 21.84 23.72
C GLU A 211 -18.27 21.94 23.71
N ALA A 212 -18.96 21.13 22.91
CA ALA A 212 -20.40 20.98 23.12
C ALA A 212 -20.70 20.53 24.56
N ALA A 213 -19.81 19.75 25.14
CA ALA A 213 -20.10 19.24 26.47
C ALA A 213 -19.90 20.30 27.54
N CYS A 214 -18.88 21.15 27.38
CA CYS A 214 -18.65 22.25 28.30
C CYS A 214 -19.51 23.48 28.02
N PHE A 215 -20.05 23.62 26.80
CA PHE A 215 -20.85 24.78 26.45
C PHE A 215 -22.17 24.33 25.82
N PRO A 216 -22.90 23.44 26.47
CA PRO A 216 -24.15 22.95 25.87
C PRO A 216 -25.15 24.05 25.64
N ASP A 217 -25.02 25.17 26.36
CA ASP A 217 -25.88 26.33 26.10
C ASP A 217 -25.57 26.94 24.74
N ILE A 218 -24.28 27.21 24.45
CA ILE A 218 -23.90 27.79 23.16
C ILE A 218 -24.36 26.92 21.99
N ILE A 219 -23.96 25.64 21.99
CA ILE A 219 -24.24 24.78 20.82
C ILE A 219 -25.73 24.57 20.62
N SER A 220 -26.51 24.50 21.69
CA SER A 220 -27.94 24.29 21.48
C SER A 220 -28.66 25.59 21.16
N GLY A 221 -27.96 26.72 21.20
CA GLY A 221 -28.54 28.03 20.99
C GLY A 221 -28.34 28.54 19.58
N PRO A 222 -28.53 29.85 19.41
CA PRO A 222 -28.49 30.45 18.07
C PRO A 222 -27.07 30.55 17.49
N GLN A 223 -26.96 30.22 16.19
CA GLN A 223 -25.69 30.30 15.46
C GLN A 223 -24.97 31.64 15.59
N GLN A 224 -25.65 32.71 15.95
CA GLN A 224 -24.90 33.95 16.10
C GLN A 224 -23.95 33.84 17.28
N THR A 225 -24.42 33.31 18.42
CA THR A 225 -23.53 33.15 19.56
C THR A 225 -22.46 32.10 19.29
N GLN A 226 -22.81 31.01 18.59
CA GLN A 226 -21.83 30.01 18.19
C GLN A 226 -20.65 30.64 17.47
N LYS A 227 -20.93 31.54 16.51
CA LYS A 227 -19.84 32.20 15.78
C LYS A 227 -19.05 33.13 16.69
N VAL A 228 -19.71 33.76 17.66
CA VAL A 228 -18.99 34.55 18.65
C VAL A 228 -18.07 33.64 19.46
N PHE A 229 -18.62 32.56 20.00
CA PHE A 229 -17.84 31.60 20.74
C PHE A 229 -16.62 31.16 19.94
N LEU A 230 -16.87 30.69 18.70
CA LEU A 230 -15.79 30.16 17.87
C LEU A 230 -14.71 31.22 17.68
N PHE A 231 -15.12 32.47 17.48
CA PHE A 231 -14.13 33.52 17.29
C PHE A 231 -13.31 33.75 18.56
N ILE A 232 -13.98 33.70 19.72
CA ILE A 232 -13.28 33.88 20.99
C ILE A 232 -12.29 32.76 21.20
N ARG A 233 -12.70 31.52 20.91
CA ARG A 233 -11.80 30.39 20.98
C ARG A 233 -10.61 30.59 20.05
N ASN A 234 -10.89 30.80 18.75
CA ASN A 234 -9.82 30.87 17.74
C ASN A 234 -8.86 32.02 18.06
N ARG A 235 -9.40 33.15 18.52
CA ARG A 235 -8.55 34.29 18.85
C ARG A 235 -7.64 33.98 20.04
N THR A 236 -8.22 33.45 21.12
CA THR A 236 -7.42 33.12 22.29
C THR A 236 -6.32 32.12 21.96
N LEU A 237 -6.63 31.10 21.15
CA LEU A 237 -5.60 30.19 20.69
C LEU A 237 -4.48 30.95 19.98
N GLN A 238 -4.86 31.84 19.05
CA GLN A 238 -3.89 32.67 18.35
C GLN A 238 -2.98 33.40 19.31
N LEU A 239 -3.57 34.13 20.27
CA LEU A 239 -2.76 34.83 21.27
C LEU A 239 -1.69 33.92 21.87
N TRP A 240 -2.10 32.74 22.36
CA TRP A 240 -1.13 31.82 22.95
C TRP A 240 -0.11 31.37 21.93
N LEU A 241 -0.58 31.00 20.73
CA LEU A 241 0.33 30.42 19.74
C LEU A 241 1.37 31.43 19.28
N ASP A 242 0.96 32.70 19.08
CA ASP A 242 1.88 33.72 18.62
C ASP A 242 2.95 34.07 19.64
N ASN A 243 2.78 33.65 20.88
CA ASN A 243 3.84 33.80 21.86
C ASN A 243 3.65 32.76 22.95
N PRO A 244 4.30 31.62 22.87
CA PRO A 244 4.03 30.55 23.83
C PRO A 244 5.09 30.46 24.91
N LYS A 245 5.92 31.49 25.06
CA LYS A 245 6.93 31.46 26.11
C LYS A 245 6.48 32.18 27.40
N ILE A 246 5.27 32.74 27.41
CA ILE A 246 4.68 33.38 28.58
C ILE A 246 3.27 32.87 28.77
N GLN A 247 2.84 32.82 30.02
CA GLN A 247 1.45 32.47 30.31
C GLN A 247 0.50 33.47 29.67
N LEU A 248 -0.63 32.97 29.19
CA LEU A 248 -1.70 33.82 28.66
C LEU A 248 -2.80 33.93 29.71
N THR A 249 -2.71 34.97 30.53
CA THR A 249 -3.71 35.23 31.56
C THR A 249 -5.03 35.68 30.96
N PHE A 250 -6.11 35.44 31.71
CA PHE A 250 -7.44 35.80 31.21
C PHE A 250 -7.55 37.29 30.92
N GLU A 251 -6.91 38.12 31.74
CA GLU A 251 -7.02 39.56 31.55
C GLU A 251 -6.33 39.99 30.28
N ALA A 252 -5.06 39.59 30.11
CA ALA A 252 -4.34 39.85 28.86
C ALA A 252 -5.18 39.45 27.66
N THR A 253 -5.94 38.36 27.79
CA THR A 253 -6.81 37.91 26.70
C THR A 253 -7.90 38.93 26.44
N LEU A 254 -8.56 39.38 27.50
CA LEU A 254 -9.73 40.22 27.34
C LEU A 254 -9.34 41.61 26.87
N GLN A 255 -8.22 42.12 27.36
CA GLN A 255 -7.72 43.42 26.91
C GLN A 255 -7.58 43.46 25.40
N GLN A 256 -6.99 42.40 24.83
CA GLN A 256 -6.74 42.36 23.40
C GLN A 256 -7.91 41.87 22.57
N LEU A 257 -9.04 41.68 23.22
CA LEU A 257 -10.21 41.22 22.46
C LEU A 257 -10.99 42.46 22.04
N GLU A 258 -11.27 42.58 20.75
CA GLU A 258 -12.02 43.73 20.23
C GLU A 258 -13.51 43.53 20.48
N ALA A 259 -14.26 44.63 20.47
CA ALA A 259 -15.73 44.53 20.60
C ALA A 259 -16.29 44.12 19.25
N PRO A 260 -17.43 43.44 19.17
CA PRO A 260 -18.30 43.23 20.31
C PRO A 260 -17.95 41.97 21.12
N TYR A 261 -16.90 41.29 20.69
CA TYR A 261 -16.45 40.01 21.28
C TYR A 261 -16.03 40.18 22.74
N ASN A 262 -15.65 41.38 23.15
CA ASN A 262 -15.26 41.54 24.55
C ASN A 262 -16.39 42.10 25.39
N SER A 263 -17.63 42.00 24.90
CA SER A 263 -18.77 42.49 25.65
C SER A 263 -19.20 41.49 26.72
N ASP A 264 -19.41 40.23 26.34
CA ASP A 264 -19.76 39.18 27.29
C ASP A 264 -18.51 38.75 28.04
N THR A 265 -18.29 39.33 29.22
CA THR A 265 -17.07 39.08 29.95
C THR A 265 -17.02 37.65 30.49
N VAL A 266 -18.18 37.05 30.78
CA VAL A 266 -18.17 35.71 31.36
C VAL A 266 -17.92 34.66 30.28
N LEU A 267 -18.48 34.83 29.08
CA LEU A 267 -18.15 33.94 27.96
C LEU A 267 -16.65 33.91 27.70
N VAL A 268 -15.99 35.06 27.75
CA VAL A 268 -14.55 35.08 27.53
C VAL A 268 -13.85 34.32 28.66
N HIS A 269 -14.27 34.53 29.90
CA HIS A 269 -13.65 33.81 31.02
C HIS A 269 -13.92 32.30 30.94
N ARG A 270 -15.11 31.91 30.46
CA ARG A 270 -15.38 30.48 30.26
C ARG A 270 -14.45 29.88 29.21
N VAL A 271 -14.38 30.50 28.03
CA VAL A 271 -13.58 29.98 26.95
C VAL A 271 -12.13 29.85 27.37
N HIS A 272 -11.57 30.91 27.95
CA HIS A 272 -10.19 30.87 28.38
C HIS A 272 -9.96 29.76 29.38
N SER A 273 -10.96 29.48 30.23
CA SER A 273 -10.74 28.47 31.26
C SER A 273 -10.80 27.07 30.68
N TYR A 274 -11.65 26.87 29.65
CA TYR A 274 -11.70 25.58 28.96
C TYR A 274 -10.38 25.30 28.26
N LEU A 275 -9.89 26.29 27.51
CA LEU A 275 -8.62 26.10 26.82
C LEU A 275 -7.48 25.87 27.80
N GLU A 276 -7.53 26.51 28.97
CA GLU A 276 -6.40 26.36 29.87
C GLU A 276 -6.42 25.00 30.52
N ARG A 277 -7.62 24.51 30.82
CA ARG A 277 -7.77 23.26 31.54
C ARG A 277 -7.35 22.10 30.66
N HIS A 278 -7.75 22.13 29.39
CA HIS A 278 -7.47 21.03 28.48
C HIS A 278 -6.19 21.26 27.68
N GLY A 279 -5.31 22.13 28.15
CA GLY A 279 -3.98 22.21 27.61
C GLY A 279 -3.89 22.67 26.18
N LEU A 280 -4.89 23.41 25.69
CA LEU A 280 -4.77 24.02 24.37
C LEU A 280 -3.98 25.32 24.42
N ILE A 281 -3.88 25.94 25.60
CA ILE A 281 -3.04 27.10 25.84
C ILE A 281 -2.37 26.85 27.17
N ASN A 282 -1.31 27.61 27.45
CA ASN A 282 -0.62 27.52 28.74
C ASN A 282 -0.28 26.08 29.08
N PHE A 283 0.39 25.42 28.14
CA PHE A 283 0.94 24.09 28.33
C PHE A 283 2.42 24.13 27.95
N GLY A 284 3.19 23.25 28.56
CA GLY A 284 4.59 23.12 28.19
C GLY A 284 5.49 23.84 29.19
N ILE A 285 6.36 24.70 28.68
CA ILE A 285 7.36 25.40 29.51
C ILE A 285 7.24 26.87 29.22
N TYR A 286 6.35 27.55 29.94
CA TYR A 286 6.11 28.97 29.86
C TYR A 286 6.57 29.63 31.15
N LYS A 287 6.90 30.91 31.07
CA LYS A 287 7.00 31.71 32.26
C LYS A 287 5.60 32.01 32.78
N ARG A 288 5.39 31.89 34.11
CA ARG A 288 4.02 32.03 34.62
C ARG A 288 3.93 33.41 35.28
N ILE A 289 3.04 34.24 34.72
CA ILE A 289 2.73 35.57 35.24
C ILE A 289 2.27 35.51 36.69
N LYS A 290 1.20 34.73 36.94
CA LYS A 290 0.66 34.48 38.28
C LYS A 290 1.35 33.27 38.91
N PRO A 291 2.30 33.46 39.85
CA PRO A 291 2.99 32.30 40.44
C PRO A 291 2.02 31.40 41.22
N LEU A 292 2.51 30.18 41.47
CA LEU A 292 1.65 29.09 41.90
C LEU A 292 1.01 29.39 43.27
N PRO A 293 -0.22 28.94 43.50
CA PRO A 293 -0.82 29.09 44.83
C PRO A 293 0.02 28.41 45.90
N THR A 294 0.11 29.07 47.05
CA THR A 294 0.99 28.65 48.15
C THR A 294 0.72 27.20 48.54
N LYS A 295 -0.56 26.85 48.69
CA LYS A 295 -0.97 25.54 49.16
C LYS A 295 -1.81 24.84 48.10
N LYS A 296 -1.58 23.53 47.99
CA LYS A 296 -2.11 22.70 46.91
C LYS A 296 -3.45 22.10 47.29
N THR A 297 -4.07 21.45 46.32
CA THR A 297 -5.31 20.73 46.54
C THR A 297 -5.22 19.35 45.87
N GLY A 298 -5.67 18.32 46.56
CA GLY A 298 -5.61 16.96 46.01
C GLY A 298 -4.19 16.44 45.86
N LYS A 299 -4.02 15.12 45.76
CA LYS A 299 -2.70 14.52 45.58
C LYS A 299 -2.74 13.41 44.53
N VAL A 300 -1.90 13.53 43.48
CA VAL A 300 -1.87 12.58 42.38
C VAL A 300 -0.50 11.93 42.30
N ILE A 301 -0.51 10.60 42.14
CA ILE A 301 0.69 9.83 41.83
C ILE A 301 0.66 9.47 40.35
N ILE A 302 1.77 9.74 39.66
CA ILE A 302 1.93 9.49 38.23
C ILE A 302 2.97 8.38 38.04
N ILE A 303 2.55 7.27 37.45
CA ILE A 303 3.47 6.17 37.20
C ILE A 303 4.14 6.39 35.85
N GLY A 304 5.47 6.55 35.88
CA GLY A 304 6.23 6.80 34.66
C GLY A 304 6.50 8.26 34.41
N SER A 305 7.75 8.63 34.14
CA SER A 305 8.07 9.99 33.74
C SER A 305 8.53 10.03 32.30
N GLY A 306 7.84 9.27 31.44
CA GLY A 306 7.94 9.51 30.03
C GLY A 306 7.27 10.83 29.69
N VAL A 307 7.20 11.09 28.39
CA VAL A 307 6.65 12.37 27.95
C VAL A 307 5.19 12.49 28.35
N SER A 308 4.42 11.39 28.26
CA SER A 308 3.02 11.54 28.63
C SER A 308 2.90 11.86 30.10
N GLY A 309 3.61 11.11 30.95
CA GLY A 309 3.66 11.44 32.37
C GLY A 309 4.08 12.87 32.62
N LEU A 310 5.22 13.29 32.04
CA LEU A 310 5.74 14.61 32.32
C LEU A 310 4.73 15.69 31.92
N ALA A 311 4.12 15.54 30.74
CA ALA A 311 3.16 16.55 30.31
C ALA A 311 1.99 16.66 31.29
N ALA A 312 1.50 15.52 31.80
CA ALA A 312 0.41 15.58 32.77
C ALA A 312 0.88 16.18 34.08
N ALA A 313 1.97 15.64 34.64
CA ALA A 313 2.53 16.16 35.89
C ALA A 313 2.64 17.67 35.83
N ARG A 314 3.16 18.18 34.73
CA ARG A 314 3.42 19.60 34.62
C ARG A 314 2.13 20.40 34.60
N GLN A 315 1.09 19.86 33.97
CA GLN A 315 -0.20 20.54 33.96
C GLN A 315 -0.86 20.50 35.32
N LEU A 316 -0.91 19.31 35.93
CA LEU A 316 -1.52 19.14 37.24
C LEU A 316 -0.91 20.10 38.24
N GLN A 317 0.41 20.12 38.33
CA GLN A 317 1.08 21.11 39.17
C GLN A 317 0.66 22.54 38.83
N SER A 318 0.53 22.89 37.55
CA SER A 318 0.12 24.28 37.33
C SER A 318 -1.35 24.51 37.65
N PHE A 319 -2.12 23.47 37.92
CA PHE A 319 -3.50 23.67 38.33
C PHE A 319 -3.66 23.76 39.84
N GLY A 320 -2.56 23.57 40.58
CA GLY A 320 -2.59 23.62 42.01
C GLY A 320 -2.63 22.29 42.71
N MET A 321 -2.19 21.22 42.07
CA MET A 321 -2.26 19.92 42.71
C MET A 321 -0.88 19.50 43.16
N ASP A 322 -0.87 18.51 44.06
CA ASP A 322 0.38 17.92 44.54
C ASP A 322 0.65 16.70 43.66
N VAL A 323 1.77 16.72 42.95
CA VAL A 323 2.07 15.70 41.96
C VAL A 323 3.42 15.10 42.27
N THR A 324 3.48 13.78 42.25
CA THR A 324 4.75 13.05 42.34
C THR A 324 4.77 11.98 41.25
N LEU A 325 5.87 11.92 40.51
CA LEU A 325 6.07 10.92 39.48
C LEU A 325 6.99 9.83 40.03
N LEU A 326 6.61 8.57 39.79
CA LEU A 326 7.44 7.42 40.08
C LEU A 326 7.98 6.84 38.78
N GLU A 327 9.30 6.67 38.71
CA GLU A 327 10.00 6.33 37.47
C GLU A 327 10.95 5.17 37.75
N ALA A 328 10.80 4.07 37.00
CA ALA A 328 11.63 2.90 37.22
C ALA A 328 13.09 3.15 36.82
N ARG A 329 13.32 3.89 35.74
CA ARG A 329 14.69 4.12 35.27
C ARG A 329 15.41 5.21 36.05
N ASP A 330 16.67 5.46 35.72
CA ASP A 330 17.50 6.50 36.36
C ASP A 330 17.44 7.76 35.53
N ARG A 331 16.57 7.82 34.55
CA ARG A 331 16.47 9.04 33.75
C ARG A 331 15.02 9.24 33.37
N VAL A 332 14.67 10.47 33.06
CA VAL A 332 13.30 10.78 32.56
C VAL A 332 13.25 10.57 31.05
N GLY A 333 12.08 10.61 30.45
CA GLY A 333 12.01 10.53 28.99
C GLY A 333 11.44 9.24 28.52
N GLY A 334 11.66 8.17 29.24
CA GLY A 334 11.05 6.93 28.78
C GLY A 334 11.64 6.52 27.45
N ARG A 335 10.73 6.28 26.49
CA ARG A 335 11.11 5.88 25.13
C ARG A 335 11.68 7.04 24.30
N VAL A 336 11.77 8.24 24.83
CA VAL A 336 12.68 9.25 24.32
C VAL A 336 14.01 9.06 25.07
N ALA A 337 15.01 8.54 24.37
CA ALA A 337 16.27 8.10 24.95
C ALA A 337 17.39 8.57 24.04
N THR A 338 18.25 9.45 24.53
CA THR A 338 19.35 10.01 23.76
C THR A 338 20.68 9.48 24.26
N PHE A 339 21.50 8.97 23.35
CA PHE A 339 22.87 8.61 23.66
C PHE A 339 23.77 9.84 23.60
N ARG A 340 24.66 9.96 24.59
CA ARG A 340 25.60 11.07 24.68
C ARG A 340 26.92 10.56 25.23
N LYS A 341 27.98 10.75 24.46
CA LYS A 341 29.35 10.47 24.88
C LYS A 341 30.24 11.40 24.10
N GLY A 342 31.09 12.15 24.80
CA GLY A 342 31.82 13.21 24.13
C GLY A 342 30.87 14.15 23.42
N ASN A 343 31.14 14.40 22.14
CA ASN A 343 30.27 15.18 21.26
C ASN A 343 29.43 14.30 20.36
N TYR A 344 29.52 12.98 20.54
CA TYR A 344 28.56 12.08 19.93
C TYR A 344 27.19 12.22 20.60
N VAL A 345 26.14 12.30 19.77
CA VAL A 345 24.77 12.50 20.21
C VAL A 345 23.86 11.76 19.24
N ALA A 346 23.06 10.82 19.74
CA ALA A 346 22.25 10.01 18.85
C ALA A 346 21.05 9.45 19.61
N ASP A 347 19.86 9.57 19.03
CA ASP A 347 18.64 9.08 19.66
C ASP A 347 18.48 7.58 19.48
N LEU A 348 18.25 6.88 20.58
CA LEU A 348 17.86 5.48 20.53
C LEU A 348 16.34 5.28 20.50
N GLY A 349 15.57 6.32 20.83
CA GLY A 349 14.13 6.25 20.82
C GLY A 349 13.55 7.04 19.68
N ALA A 350 12.61 7.94 19.95
CA ALA A 350 12.09 8.80 18.91
C ALA A 350 13.19 9.67 18.30
N MET A 351 13.05 9.93 17.00
CA MET A 351 14.09 10.63 16.24
C MET A 351 13.46 11.75 15.43
N VAL A 352 12.24 11.58 14.97
CA VAL A 352 11.71 12.59 14.04
C VAL A 352 10.45 13.22 14.57
N VAL A 353 10.23 14.47 14.18
CA VAL A 353 9.02 15.25 14.50
C VAL A 353 8.25 15.20 13.20
N THR A 354 7.06 14.64 13.19
CA THR A 354 6.42 14.43 11.88
C THR A 354 5.67 15.63 11.36
N GLY A 355 6.32 16.76 11.12
CA GLY A 355 5.59 17.90 10.54
C GLY A 355 5.14 18.85 11.60
N LEU A 356 5.02 20.12 11.27
CA LEU A 356 4.60 21.05 12.35
C LEU A 356 3.21 21.56 12.04
N GLY A 357 2.57 21.03 11.02
CA GLY A 357 1.25 21.59 10.73
C GLY A 357 0.24 21.04 11.69
N GLY A 358 -0.06 21.79 12.75
CA GLY A 358 -1.03 21.30 13.75
C GLY A 358 -0.38 20.43 14.78
N ASN A 359 0.95 20.46 14.83
CA ASN A 359 1.66 19.59 15.78
C ASN A 359 1.95 20.34 17.06
N PRO A 360 1.64 19.77 18.24
CA PRO A 360 1.92 20.39 19.51
C PRO A 360 3.40 20.58 19.80
N MET A 361 4.28 19.79 19.20
CA MET A 361 5.74 19.94 19.39
C MET A 361 6.21 21.29 18.89
N ALA A 362 5.61 21.80 17.83
CA ALA A 362 5.89 23.16 17.32
C ALA A 362 5.92 24.11 18.50
N VAL A 363 4.87 24.12 19.33
CA VAL A 363 4.87 24.98 20.50
C VAL A 363 6.05 24.64 21.40
N VAL A 364 6.34 23.35 21.58
CA VAL A 364 7.43 22.98 22.45
C VAL A 364 8.75 23.48 21.87
N SER A 365 8.93 23.35 20.56
CA SER A 365 10.18 23.76 19.92
C SER A 365 10.46 25.24 20.10
N LYS A 366 9.40 26.04 20.29
CA LYS A 366 9.61 27.43 20.65
C LYS A 366 9.98 27.59 22.12
N GLN A 367 9.48 26.72 22.98
CA GLN A 367 9.77 26.84 24.41
C GLN A 367 11.12 26.24 24.76
N VAL A 368 11.45 25.14 24.12
CA VAL A 368 12.73 24.46 24.40
C VAL A 368 13.63 24.67 23.21
N ASN A 369 14.94 24.66 23.44
CA ASN A 369 15.82 24.87 22.29
C ASN A 369 16.03 23.52 21.63
N MET A 370 15.27 23.27 20.58
CA MET A 370 15.45 22.03 19.83
C MET A 370 16.07 22.47 18.52
N GLU A 371 17.15 21.82 18.10
CA GLU A 371 17.76 22.18 16.81
C GLU A 371 17.04 21.31 15.78
N LEU A 372 16.01 21.84 15.15
CA LEU A 372 15.20 21.07 14.21
C LEU A 372 15.76 21.17 12.79
N ALA A 373 16.13 20.05 12.21
CA ALA A 373 16.71 19.98 10.87
C ALA A 373 15.88 19.07 10.00
N LYS A 374 15.52 19.55 8.80
CA LYS A 374 14.63 18.83 7.91
C LYS A 374 15.26 17.50 7.44
N ILE A 375 14.41 16.65 6.88
CA ILE A 375 14.81 15.38 6.29
C ILE A 375 14.48 15.42 4.81
N LYS A 376 15.53 15.37 3.99
CA LYS A 376 15.37 15.27 2.55
C LYS A 376 14.94 13.86 2.18
N GLN A 377 13.75 13.75 1.55
CA GLN A 377 13.09 12.50 1.18
C GLN A 377 13.95 11.56 0.34
N LYS A 378 15.03 12.06 -0.28
CA LYS A 378 15.82 11.27 -1.22
C LYS A 378 16.47 10.07 -0.53
N CYS A 379 16.22 8.86 -1.04
CA CYS A 379 16.71 7.64 -0.41
C CYS A 379 17.31 6.68 -1.43
N PRO A 380 18.60 6.80 -1.72
CA PRO A 380 19.28 5.81 -2.56
C PRO A 380 19.25 4.41 -1.97
N LEU A 381 18.85 3.45 -2.80
CA LEU A 381 18.85 2.03 -2.47
C LEU A 381 20.08 1.32 -3.07
N TYR A 382 20.53 0.27 -2.39
CA TYR A 382 21.73 -0.47 -2.77
C TYR A 382 21.45 -1.95 -2.53
N GLU A 383 21.49 -2.76 -3.59
CA GLU A 383 21.22 -4.18 -3.45
C GLU A 383 22.32 -4.86 -2.66
N ALA A 384 22.11 -6.15 -2.35
CA ALA A 384 22.99 -6.84 -1.40
C ALA A 384 24.45 -6.84 -1.88
N ASN A 385 24.68 -6.82 -3.19
CA ASN A 385 26.06 -6.81 -3.71
C ASN A 385 26.82 -5.56 -3.28
N GLY A 386 26.14 -4.41 -3.25
CA GLY A 386 26.76 -3.16 -2.88
C GLY A 386 26.63 -2.06 -3.91
N GLN A 387 25.83 -2.28 -4.94
CA GLN A 387 25.73 -1.34 -6.05
C GLN A 387 24.32 -0.77 -6.13
N ALA A 388 24.29 0.52 -6.42
CA ALA A 388 23.05 1.31 -6.42
C ALA A 388 21.98 0.71 -7.32
N VAL A 389 20.74 0.75 -6.87
CA VAL A 389 19.68 0.25 -7.75
C VAL A 389 19.53 1.32 -8.80
N PRO A 390 19.49 0.99 -10.10
CA PRO A 390 19.37 2.00 -11.14
C PRO A 390 18.04 2.72 -11.03
N LYS A 391 18.01 3.98 -11.43
CA LYS A 391 16.81 4.85 -11.26
C LYS A 391 15.59 4.27 -11.94
N GLU A 392 15.72 3.61 -13.09
CA GLU A 392 14.52 3.08 -13.77
C GLU A 392 13.84 2.07 -12.84
N LYS A 393 14.62 1.20 -12.21
CA LYS A 393 14.04 0.18 -11.29
C LYS A 393 13.39 0.83 -10.08
N ASP A 394 14.08 1.78 -9.47
CA ASP A 394 13.62 2.38 -8.20
C ASP A 394 12.26 2.99 -8.42
N GLU A 395 12.06 3.72 -9.49
CA GLU A 395 10.73 4.30 -9.68
C GLU A 395 9.71 3.21 -9.94
N MET A 396 10.04 2.20 -10.75
CA MET A 396 8.97 1.22 -11.04
C MET A 396 8.59 0.40 -9.81
N VAL A 397 9.54 -0.04 -9.01
CA VAL A 397 9.12 -0.88 -7.85
C VAL A 397 8.33 -0.04 -6.86
N GLU A 398 8.78 1.19 -6.61
CA GLU A 398 8.08 2.04 -5.65
C GLU A 398 6.65 2.23 -6.13
N GLN A 399 6.45 2.49 -7.41
CA GLN A 399 5.09 2.71 -7.88
C GLN A 399 4.25 1.44 -7.81
N GLU A 400 4.89 0.28 -7.96
CA GLU A 400 4.14 -0.97 -7.76
C GLU A 400 3.76 -1.14 -6.30
N PHE A 401 4.73 -0.93 -5.41
CA PHE A 401 4.47 -0.89 -3.98
C PHE A 401 3.26 -0.02 -3.64
N ASN A 402 3.29 1.26 -4.06
CA ASN A 402 2.17 2.14 -3.80
C ASN A 402 0.88 1.61 -4.42
N ARG A 403 0.99 0.91 -5.55
CA ARG A 403 -0.21 0.37 -6.19
C ARG A 403 -0.70 -0.87 -5.45
N LEU A 404 0.23 -1.73 -5.02
CA LEU A 404 -0.14 -2.86 -4.20
C LEU A 404 -0.89 -2.43 -2.93
N LEU A 405 -0.42 -1.38 -2.26
CA LEU A 405 -1.10 -0.88 -1.06
C LEU A 405 -2.53 -0.45 -1.37
N GLU A 406 -2.68 0.48 -2.30
CA GLU A 406 -3.95 0.96 -2.82
C GLU A 406 -4.87 -0.22 -3.16
N ALA A 407 -4.26 -1.32 -3.61
CA ALA A 407 -5.02 -2.50 -3.99
C ALA A 407 -5.61 -3.22 -2.78
N THR A 408 -4.84 -3.32 -1.68
CA THR A 408 -5.38 -3.94 -0.47
C THR A 408 -6.54 -3.14 0.08
N SER A 409 -6.46 -1.81 0.00
CA SER A 409 -7.58 -0.97 0.39
C SER A 409 -8.83 -1.33 -0.40
N TYR A 410 -8.68 -1.60 -1.70
CA TYR A 410 -9.79 -2.07 -2.53
C TYR A 410 -10.35 -3.40 -2.00
N LEU A 411 -9.48 -4.40 -1.80
CA LEU A 411 -9.93 -5.62 -1.11
C LEU A 411 -10.66 -5.33 0.19
N SER A 412 -10.17 -4.38 0.98
CA SER A 412 -10.80 -4.16 2.28
C SER A 412 -12.19 -3.53 2.11
N HIS A 413 -12.28 -2.43 1.37
CA HIS A 413 -13.52 -1.65 1.36
C HIS A 413 -14.55 -2.17 0.35
N GLN A 414 -14.21 -2.19 -0.94
CA GLN A 414 -15.20 -2.51 -1.96
C GLN A 414 -15.48 -4.01 -2.07
N LEU A 415 -14.57 -4.88 -1.59
CA LEU A 415 -14.78 -6.31 -1.67
C LEU A 415 -15.06 -6.97 -0.31
N ASP A 416 -14.87 -6.22 0.79
CA ASP A 416 -15.06 -6.67 2.17
C ASP A 416 -14.35 -8.03 2.40
N PHE A 417 -13.03 -8.00 2.19
CA PHE A 417 -12.18 -9.16 2.42
C PHE A 417 -11.52 -9.06 3.79
N ASN A 418 -12.33 -9.03 4.85
CA ASN A 418 -11.80 -8.73 6.16
C ASN A 418 -11.84 -9.88 7.14
N VAL A 419 -12.43 -11.02 6.77
CA VAL A 419 -12.36 -12.24 7.56
C VAL A 419 -12.06 -13.40 6.63
N LEU A 420 -11.11 -14.26 7.02
CA LEU A 420 -10.72 -15.42 6.22
C LEU A 420 -10.49 -16.60 7.14
N ASN A 421 -11.41 -17.57 7.09
CA ASN A 421 -11.35 -18.80 7.89
C ASN A 421 -11.53 -18.46 9.37
N ASN A 422 -12.51 -17.58 9.63
CA ASN A 422 -13.03 -17.22 10.94
C ASN A 422 -12.04 -16.37 11.75
N LYS A 423 -11.04 -15.79 11.09
CA LYS A 423 -9.96 -15.00 11.66
C LYS A 423 -9.83 -13.71 10.87
N PRO A 424 -9.36 -12.63 11.50
CA PRO A 424 -9.27 -11.35 10.80
C PRO A 424 -8.11 -11.32 9.82
N VAL A 425 -8.32 -10.65 8.71
CA VAL A 425 -7.30 -10.59 7.68
C VAL A 425 -6.25 -9.55 8.06
N SER A 426 -4.98 -9.91 7.90
CA SER A 426 -3.92 -8.94 8.08
C SER A 426 -3.57 -8.25 6.76
N LEU A 427 -2.94 -7.07 6.87
CA LEU A 427 -2.37 -6.42 5.70
C LEU A 427 -1.48 -7.38 4.93
N GLY A 428 -0.63 -8.13 5.65
CA GLY A 428 0.31 -9.03 4.99
C GLY A 428 -0.35 -10.10 4.15
N GLN A 429 -1.36 -10.78 4.71
CA GLN A 429 -2.14 -11.72 3.92
C GLN A 429 -2.68 -11.07 2.65
N ALA A 430 -3.32 -9.92 2.81
CA ALA A 430 -3.96 -9.27 1.68
C ALA A 430 -2.93 -8.86 0.63
N LEU A 431 -1.73 -8.48 1.03
CA LEU A 431 -0.67 -8.24 0.05
C LEU A 431 -0.29 -9.51 -0.72
N GLU A 432 -0.15 -10.64 -0.03
CA GLU A 432 0.13 -11.87 -0.76
C GLU A 432 -1.00 -12.21 -1.72
N VAL A 433 -2.25 -12.11 -1.27
CA VAL A 433 -3.35 -12.34 -2.18
C VAL A 433 -3.28 -11.42 -3.39
N VAL A 434 -2.96 -10.14 -3.18
CA VAL A 434 -2.92 -9.23 -4.31
C VAL A 434 -1.74 -9.53 -5.23
N ILE A 435 -0.57 -9.86 -4.66
CA ILE A 435 0.55 -10.24 -5.51
C ILE A 435 0.22 -11.50 -6.30
N GLN A 436 -0.34 -12.51 -5.63
CA GLN A 436 -0.68 -13.75 -6.34
C GLN A 436 -1.60 -13.46 -7.54
N LEU A 437 -2.69 -12.74 -7.30
CA LEU A 437 -3.59 -12.39 -8.39
C LEU A 437 -2.91 -11.60 -9.52
N GLN A 438 -1.81 -10.90 -9.23
CA GLN A 438 -1.06 -10.28 -10.33
C GLN A 438 -0.25 -11.34 -11.07
N GLU A 439 0.50 -12.17 -10.32
CA GLU A 439 1.15 -13.33 -10.94
C GLU A 439 0.14 -14.15 -11.76
N LYS A 440 -1.07 -14.36 -11.22
CA LYS A 440 -2.07 -15.13 -11.96
C LYS A 440 -2.44 -14.43 -13.26
N HIS A 441 -2.79 -13.16 -13.19
CA HIS A 441 -3.18 -12.44 -14.39
C HIS A 441 -2.06 -12.41 -15.44
N VAL A 442 -0.79 -12.43 -15.02
CA VAL A 442 0.30 -12.52 -16.01
C VAL A 442 0.24 -13.85 -16.78
N LYS A 443 -0.03 -14.94 -16.06
CA LYS A 443 -0.18 -16.23 -16.73
C LYS A 443 -1.47 -16.28 -17.54
N ASP A 444 -2.60 -15.84 -16.98
CA ASP A 444 -3.82 -15.73 -17.75
C ASP A 444 -3.58 -14.99 -19.07
N GLU A 445 -2.72 -13.98 -19.03
CA GLU A 445 -2.44 -13.10 -20.16
C GLU A 445 -1.56 -13.80 -21.19
N GLN A 446 -0.64 -14.64 -20.73
CA GLN A 446 0.19 -15.40 -21.65
C GLN A 446 -0.62 -16.52 -22.30
N ILE A 447 -1.47 -17.18 -21.53
CA ILE A 447 -2.28 -18.25 -22.09
C ILE A 447 -3.16 -17.74 -23.22
N GLU A 448 -3.83 -16.58 -23.06
CA GLU A 448 -4.72 -16.25 -24.17
C GLU A 448 -3.91 -15.74 -25.38
N HIS A 449 -2.68 -15.28 -25.17
CA HIS A 449 -1.88 -14.80 -26.29
C HIS A 449 -1.46 -15.95 -27.19
N TRP A 450 -0.84 -16.98 -26.60
CA TRP A 450 -0.48 -18.17 -27.38
C TRP A 450 -1.72 -18.90 -27.89
N LYS A 451 -2.85 -18.79 -27.20
CA LYS A 451 -4.07 -19.39 -27.74
C LYS A 451 -4.58 -18.67 -28.99
N LYS A 452 -4.26 -17.37 -29.16
CA LYS A 452 -4.48 -16.73 -30.45
C LYS A 452 -3.46 -17.19 -31.48
N ILE A 453 -2.27 -17.63 -31.06
CA ILE A 453 -1.35 -18.16 -32.03
C ILE A 453 -1.83 -19.51 -32.56
N VAL A 454 -2.19 -20.44 -31.67
CA VAL A 454 -2.67 -21.74 -32.13
C VAL A 454 -3.98 -21.60 -32.91
N LYS A 455 -4.86 -20.69 -32.52
CA LYS A 455 -6.12 -20.58 -33.26
C LYS A 455 -5.87 -20.32 -34.73
N THR A 456 -4.82 -19.55 -35.03
CA THR A 456 -4.55 -19.20 -36.43
C THR A 456 -3.50 -20.10 -37.08
N GLN A 457 -2.57 -20.68 -36.33
CA GLN A 457 -1.76 -21.76 -36.91
C GLN A 457 -2.66 -22.88 -37.43
N GLU A 458 -3.70 -23.23 -36.68
CA GLU A 458 -4.67 -24.20 -37.19
C GLU A 458 -5.43 -23.66 -38.39
N GLU A 459 -5.81 -22.38 -38.36
CA GLU A 459 -6.43 -21.79 -39.55
C GLU A 459 -5.49 -21.85 -40.75
N LEU A 460 -4.20 -21.68 -40.51
CA LEU A 460 -3.19 -21.84 -41.56
C LEU A 460 -3.12 -23.30 -42.03
N LYS A 461 -2.94 -24.24 -41.09
CA LYS A 461 -2.95 -25.66 -41.42
C LYS A 461 -4.14 -26.04 -42.31
N GLU A 462 -5.34 -25.59 -41.93
CA GLU A 462 -6.51 -25.88 -42.75
C GLU A 462 -6.39 -25.25 -44.13
N LEU A 463 -5.72 -24.12 -44.23
CA LEU A 463 -5.54 -23.47 -45.52
C LEU A 463 -4.52 -24.23 -46.38
N LEU A 464 -3.35 -24.49 -45.82
CA LEU A 464 -2.36 -25.30 -46.53
C LEU A 464 -2.90 -26.65 -46.95
N ASN A 465 -3.93 -27.16 -46.27
CA ASN A 465 -4.49 -28.45 -46.70
C ASN A 465 -5.30 -28.29 -47.98
N LYS A 466 -6.12 -27.24 -48.09
CA LYS A 466 -6.75 -26.96 -49.38
C LYS A 466 -5.71 -26.79 -50.49
N MET A 467 -4.57 -26.18 -50.17
CA MET A 467 -3.60 -25.86 -51.21
C MET A 467 -2.80 -27.08 -51.70
N VAL A 468 -2.42 -28.00 -50.81
CA VAL A 468 -1.94 -29.29 -51.31
C VAL A 468 -2.96 -29.94 -52.22
N ASN A 469 -4.20 -30.08 -51.74
CA ASN A 469 -5.20 -30.83 -52.50
C ASN A 469 -5.52 -30.14 -53.82
N LEU A 470 -5.53 -28.81 -53.82
CA LEU A 470 -5.76 -28.08 -55.06
C LEU A 470 -4.58 -28.21 -56.02
N LYS A 471 -3.35 -28.08 -55.53
CA LYS A 471 -2.20 -28.25 -56.41
C LYS A 471 -2.09 -29.68 -56.95
N GLU A 472 -2.68 -30.67 -56.28
CA GLU A 472 -2.74 -31.98 -56.92
C GLU A 472 -3.83 -32.04 -57.99
N LYS A 473 -4.98 -31.42 -57.74
CA LYS A 473 -6.01 -31.31 -58.76
C LYS A 473 -5.49 -30.55 -59.98
N ILE A 474 -4.75 -29.47 -59.75
CA ILE A 474 -4.16 -28.73 -60.86
C ILE A 474 -3.16 -29.59 -61.62
N LYS A 475 -2.36 -30.37 -60.89
CA LYS A 475 -1.37 -31.25 -61.53
C LYS A 475 -2.05 -32.23 -62.48
N GLU A 476 -3.03 -32.98 -61.98
CA GLU A 476 -3.81 -33.89 -62.81
C GLU A 476 -4.45 -33.18 -64.01
N LEU A 477 -5.16 -32.08 -63.75
CA LEU A 477 -5.92 -31.43 -64.80
C LEU A 477 -5.03 -30.82 -65.87
N HIS A 478 -3.82 -30.39 -65.52
CA HIS A 478 -2.87 -29.96 -66.53
C HIS A 478 -2.55 -31.10 -67.47
N GLN A 479 -2.20 -32.26 -66.89
CA GLN A 479 -1.94 -33.45 -67.67
C GLN A 479 -3.07 -33.75 -68.64
N GLN A 480 -4.32 -33.68 -68.16
CA GLN A 480 -5.45 -33.93 -69.04
C GLN A 480 -5.57 -32.89 -70.14
N TYR A 481 -5.28 -31.62 -69.84
CA TYR A 481 -5.30 -30.62 -70.91
C TYR A 481 -4.20 -30.89 -71.92
N LYS A 482 -3.03 -31.34 -71.47
CA LYS A 482 -1.96 -31.65 -72.42
C LYS A 482 -2.38 -32.77 -73.37
N GLU A 483 -2.85 -33.87 -72.81
CA GLU A 483 -3.28 -35.03 -73.61
C GLU A 483 -4.36 -34.59 -74.59
N ALA A 484 -5.34 -33.84 -74.13
CA ALA A 484 -6.43 -33.37 -75.02
C ALA A 484 -5.86 -32.44 -76.07
N SER A 485 -4.91 -31.61 -75.70
CA SER A 485 -4.23 -30.69 -76.63
C SER A 485 -3.35 -31.46 -77.61
N GLU A 486 -2.83 -32.62 -77.20
CA GLU A 486 -1.96 -33.46 -78.05
C GLU A 486 -2.72 -33.94 -79.28
N VAL A 487 -4.00 -34.24 -79.17
CA VAL A 487 -4.72 -34.69 -80.38
C VAL A 487 -4.68 -33.52 -81.32
N LYS A 488 -4.03 -33.67 -82.46
CA LYS A 488 -3.83 -32.53 -83.36
C LYS A 488 -5.06 -32.29 -84.22
N PRO A 489 -5.26 -31.04 -84.64
CA PRO A 489 -6.37 -30.68 -85.49
C PRO A 489 -6.20 -31.25 -86.89
N PRO A 490 -7.28 -31.56 -87.63
CA PRO A 490 -8.60 -30.98 -87.39
C PRO A 490 -9.36 -31.88 -86.42
N ARG A 491 -10.14 -31.26 -85.54
CA ARG A 491 -10.76 -31.98 -84.43
C ARG A 491 -12.28 -31.96 -84.63
N ASP A 492 -12.94 -33.05 -84.26
CA ASP A 492 -14.39 -32.91 -84.20
C ASP A 492 -14.76 -32.10 -82.95
N ILE A 493 -16.01 -31.66 -82.86
CA ILE A 493 -16.29 -30.58 -81.92
C ILE A 493 -16.26 -31.04 -80.48
N THR A 494 -16.58 -32.30 -80.19
CA THR A 494 -16.40 -32.78 -78.83
C THR A 494 -14.93 -32.74 -78.41
N ALA A 495 -14.02 -33.18 -79.29
CA ALA A 495 -12.60 -33.08 -78.98
C ALA A 495 -12.12 -31.64 -78.85
N GLU A 496 -12.75 -30.71 -79.59
CA GLU A 496 -12.44 -29.30 -79.41
C GLU A 496 -13.00 -28.80 -78.10
N PHE A 497 -14.21 -29.23 -77.75
CA PHE A 497 -14.81 -28.85 -76.48
C PHE A 497 -13.94 -29.30 -75.33
N LEU A 498 -13.33 -30.47 -75.44
CA LEU A 498 -12.53 -31.00 -74.34
C LEU A 498 -11.30 -30.15 -74.08
N VAL A 499 -10.67 -29.60 -75.13
CA VAL A 499 -9.55 -28.70 -74.90
C VAL A 499 -10.03 -27.42 -74.24
N LYS A 500 -11.04 -26.78 -74.84
CA LYS A 500 -11.59 -25.53 -74.30
C LYS A 500 -12.08 -25.70 -72.87
N SER A 501 -12.83 -26.78 -72.62
CA SER A 501 -13.29 -27.15 -71.29
C SER A 501 -12.18 -27.24 -70.26
N LYS A 502 -11.23 -28.17 -70.44
CA LYS A 502 -10.12 -28.32 -69.50
C LYS A 502 -9.35 -27.02 -69.32
N HIS A 503 -9.30 -26.17 -70.34
CA HIS A 503 -8.60 -24.90 -70.20
C HIS A 503 -9.36 -23.97 -69.25
N ARG A 504 -10.67 -23.86 -69.46
CA ARG A 504 -11.50 -23.12 -68.51
C ARG A 504 -11.34 -23.68 -67.10
N ASP A 505 -11.48 -25.00 -66.95
CA ASP A 505 -11.40 -25.63 -65.63
C ASP A 505 -10.03 -25.38 -64.99
N LEU A 506 -8.98 -25.39 -65.79
CA LEU A 506 -7.65 -25.22 -65.20
C LEU A 506 -7.44 -23.79 -64.73
N THR A 507 -7.88 -22.80 -65.50
CA THR A 507 -7.69 -21.42 -65.03
C THR A 507 -8.56 -21.12 -63.82
N ALA A 508 -9.78 -21.69 -63.77
CA ALA A 508 -10.61 -21.59 -62.56
C ALA A 508 -9.86 -22.10 -61.33
N LEU A 509 -9.35 -23.33 -61.39
CA LEU A 509 -8.60 -23.85 -60.25
C LEU A 509 -7.34 -23.05 -59.98
N CYS A 510 -6.69 -22.56 -61.04
CA CYS A 510 -5.53 -21.69 -60.82
C CYS A 510 -5.92 -20.37 -60.18
N LYS A 511 -7.19 -19.99 -60.31
CA LYS A 511 -7.62 -18.76 -59.68
C LYS A 511 -7.90 -18.96 -58.20
N GLU A 512 -8.55 -20.08 -57.83
CA GLU A 512 -8.69 -20.45 -56.42
C GLU A 512 -7.36 -20.49 -55.70
N TYR A 513 -6.38 -21.20 -56.27
CA TYR A 513 -5.09 -21.35 -55.61
C TYR A 513 -4.37 -20.02 -55.44
N ASP A 514 -4.72 -19.02 -56.25
CA ASP A 514 -4.11 -17.71 -56.03
C ASP A 514 -4.83 -16.94 -54.92
N GLU A 515 -6.17 -16.96 -54.93
CA GLU A 515 -6.93 -16.37 -53.83
C GLU A 515 -6.55 -17.00 -52.49
N LEU A 516 -6.16 -18.26 -52.48
CA LEU A 516 -5.74 -18.91 -51.24
C LEU A 516 -4.27 -18.70 -50.92
N ALA A 517 -3.50 -18.05 -51.79
CA ALA A 517 -2.15 -17.66 -51.42
C ALA A 517 -2.04 -16.19 -51.07
N GLU A 518 -3.04 -15.39 -51.47
CA GLU A 518 -3.32 -14.13 -50.78
C GLU A 518 -3.54 -14.39 -49.29
N THR A 519 -4.58 -15.19 -49.00
CA THR A 519 -4.93 -15.52 -47.63
C THR A 519 -3.76 -16.12 -46.85
N GLN A 520 -2.92 -16.93 -47.50
CA GLN A 520 -1.77 -17.47 -46.78
C GLN A 520 -0.80 -16.37 -46.35
N GLY A 521 -0.66 -15.31 -47.14
CA GLY A 521 0.21 -14.23 -46.75
C GLY A 521 -0.40 -13.34 -45.69
N LYS A 522 -1.71 -13.11 -45.77
CA LYS A 522 -2.41 -12.35 -44.73
C LYS A 522 -2.21 -12.99 -43.35
N LEU A 523 -2.09 -14.32 -43.30
CA LEU A 523 -1.92 -15.06 -42.05
C LEU A 523 -0.47 -15.29 -41.68
N GLU A 524 0.43 -15.45 -42.65
CA GLU A 524 1.82 -15.60 -42.29
C GLU A 524 2.37 -14.34 -41.65
N GLU A 525 1.68 -13.20 -41.84
CA GLU A 525 2.06 -11.93 -41.22
C GLU A 525 1.35 -11.75 -39.88
N LYS A 526 0.02 -11.92 -39.85
CA LYS A 526 -0.72 -11.94 -38.59
C LYS A 526 -0.07 -12.84 -37.54
N LEU A 527 0.68 -13.86 -37.96
CA LEU A 527 1.42 -14.73 -37.05
C LEU A 527 2.72 -14.08 -36.57
N GLN A 528 3.61 -13.73 -37.50
CA GLN A 528 4.85 -13.07 -37.12
C GLN A 528 4.59 -11.75 -36.38
N GLU A 529 3.41 -11.13 -36.59
CA GLU A 529 3.01 -10.00 -35.76
C GLU A 529 2.91 -10.41 -34.30
N LEU A 530 2.07 -11.39 -34.02
CA LEU A 530 1.80 -11.81 -32.63
C LEU A 530 3.08 -12.34 -32.04
N GLU A 531 3.91 -12.99 -32.83
CA GLU A 531 5.18 -13.49 -32.26
C GLU A 531 6.03 -12.31 -31.78
N ALA A 532 6.02 -11.22 -32.54
CA ALA A 532 6.75 -9.98 -32.25
C ALA A 532 6.25 -9.31 -30.97
N ASN A 533 4.98 -9.44 -30.62
CA ASN A 533 4.58 -8.69 -29.40
C ASN A 533 3.96 -9.57 -28.32
N PRO A 534 4.77 -10.37 -27.62
CA PRO A 534 4.29 -11.21 -26.56
C PRO A 534 4.08 -10.34 -25.33
N PRO A 535 3.25 -10.74 -24.35
CA PRO A 535 3.03 -9.96 -23.16
C PRO A 535 4.12 -10.16 -22.11
N SER A 536 3.94 -9.54 -20.95
CA SER A 536 4.95 -9.62 -19.88
C SER A 536 5.16 -11.06 -19.49
N ASP A 537 6.43 -11.46 -19.43
CA ASP A 537 6.86 -12.82 -19.05
C ASP A 537 6.67 -13.07 -17.55
N VAL A 538 6.94 -12.07 -16.72
CA VAL A 538 6.86 -12.18 -15.24
C VAL A 538 6.10 -10.99 -14.68
N TYR A 539 5.62 -11.13 -13.45
CA TYR A 539 5.03 -9.97 -12.73
C TYR A 539 6.21 -9.24 -12.11
N LEU A 540 7.01 -9.96 -11.32
CA LEU A 540 8.20 -9.36 -10.76
C LEU A 540 9.31 -10.40 -10.74
N SER A 541 10.51 -9.98 -11.15
CA SER A 541 11.64 -10.89 -11.13
C SER A 541 12.13 -11.09 -9.71
N SER A 542 12.96 -12.11 -9.50
CA SER A 542 13.56 -12.29 -8.18
C SER A 542 14.46 -11.13 -7.78
N ARG A 543 14.69 -10.18 -8.68
CA ARG A 543 15.46 -9.03 -8.25
C ARG A 543 14.49 -7.95 -7.82
N ASP A 544 13.41 -7.83 -8.58
CA ASP A 544 12.35 -6.87 -8.30
C ASP A 544 11.75 -7.14 -6.92
N ARG A 545 11.25 -8.36 -6.68
CA ARG A 545 10.62 -8.70 -5.41
C ARG A 545 11.59 -8.53 -4.26
N GLN A 546 12.90 -8.39 -4.52
CA GLN A 546 13.78 -8.06 -3.41
C GLN A 546 13.72 -6.58 -3.13
N ILE A 547 13.63 -5.77 -4.18
CA ILE A 547 13.54 -4.34 -3.96
C ILE A 547 12.17 -3.98 -3.41
N LEU A 548 11.12 -4.64 -3.90
CA LEU A 548 9.81 -4.52 -3.28
C LEU A 548 9.85 -4.92 -1.80
N ASP A 549 10.71 -5.88 -1.45
CA ASP A 549 10.80 -6.27 -0.05
C ASP A 549 11.35 -5.15 0.82
N TRP A 550 12.14 -4.26 0.24
CA TRP A 550 12.65 -3.14 1.04
C TRP A 550 11.54 -2.17 1.35
N HIS A 551 10.66 -1.90 0.38
CA HIS A 551 9.53 -1.02 0.64
C HIS A 551 8.60 -1.62 1.67
N PHE A 552 8.57 -2.94 1.80
CA PHE A 552 7.81 -3.53 2.88
C PHE A 552 8.52 -3.37 4.22
N ALA A 553 9.85 -3.43 4.23
CA ALA A 553 10.59 -3.11 5.44
C ALA A 553 10.34 -1.69 5.90
N ASN A 554 10.21 -0.71 4.99
CA ASN A 554 9.76 0.61 5.46
C ASN A 554 8.44 0.51 6.19
N LEU A 555 7.42 -0.04 5.54
CA LEU A 555 6.11 -0.17 6.16
C LEU A 555 6.20 -0.93 7.49
N GLU A 556 7.09 -1.92 7.58
CA GLU A 556 7.26 -2.64 8.82
C GLU A 556 7.92 -1.77 9.87
N PHE A 557 8.90 -0.95 9.46
CA PHE A 557 9.42 0.10 10.32
C PHE A 557 8.36 1.13 10.74
N ALA A 558 7.55 1.62 9.82
CA ALA A 558 6.57 2.64 10.21
C ALA A 558 5.65 2.14 11.30
N ASN A 559 5.24 0.89 11.23
CA ASN A 559 4.31 0.31 12.16
C ASN A 559 4.99 -0.57 13.19
N ALA A 560 6.31 -0.56 13.21
CA ALA A 560 7.09 -1.37 14.16
C ALA A 560 6.52 -2.78 14.33
N THR A 561 6.23 -3.45 13.24
CA THR A 561 5.72 -4.82 13.33
C THR A 561 5.68 -5.46 11.94
N PRO A 562 5.87 -6.78 11.85
CA PRO A 562 5.59 -7.49 10.62
C PRO A 562 4.19 -7.23 10.09
N LEU A 563 4.09 -7.09 8.75
CA LEU A 563 2.78 -6.78 8.17
C LEU A 563 1.78 -7.90 8.36
N SER A 564 2.22 -9.07 8.81
CA SER A 564 1.26 -10.14 9.04
C SER A 564 0.44 -9.93 10.29
N THR A 565 0.82 -8.97 11.15
CA THR A 565 0.07 -8.68 12.37
C THR A 565 -0.86 -7.47 12.26
N LEU A 566 -0.64 -6.58 11.27
CA LEU A 566 -1.43 -5.35 11.14
C LEU A 566 -2.85 -5.65 10.67
N SER A 567 -3.83 -4.96 11.25
CA SER A 567 -5.20 -5.09 10.78
C SER A 567 -5.32 -4.55 9.36
N LEU A 568 -5.82 -5.38 8.43
CA LEU A 568 -6.07 -4.88 7.09
C LEU A 568 -7.05 -3.71 7.12
N LYS A 569 -8.17 -3.87 7.82
CA LYS A 569 -9.18 -2.80 7.81
C LYS A 569 -8.64 -1.50 8.43
N HIS A 570 -7.88 -1.59 9.54
CA HIS A 570 -7.68 -0.44 10.41
C HIS A 570 -6.24 0.07 10.57
N TRP A 571 -5.23 -0.60 9.99
CA TRP A 571 -3.84 -0.27 10.30
C TRP A 571 -3.49 1.19 10.03
N ASP A 572 -4.21 1.87 9.14
CA ASP A 572 -3.89 3.25 8.79
C ASP A 572 -4.97 4.22 9.26
N GLN A 573 -5.78 3.83 10.24
CA GLN A 573 -6.92 4.64 10.66
C GLN A 573 -6.54 6.03 11.14
N ASP A 574 -5.29 6.26 11.49
CA ASP A 574 -4.82 7.57 11.91
C ASP A 574 -4.35 8.45 10.76
N ASP A 575 -4.37 7.95 9.50
CA ASP A 575 -3.79 8.72 8.38
C ASP A 575 -4.49 10.04 8.19
N ASP A 576 -5.78 10.12 8.53
CA ASP A 576 -6.51 11.35 8.30
C ASP A 576 -6.04 12.51 9.17
N PHE A 577 -5.30 12.22 10.23
CA PHE A 577 -4.94 13.31 11.16
C PHE A 577 -3.47 13.61 11.05
N GLU A 578 -2.86 13.29 9.92
CA GLU A 578 -1.41 13.55 9.79
C GLU A 578 -1.15 15.04 9.70
N PHE A 579 0.00 15.48 10.19
CA PHE A 579 0.29 16.92 10.15
C PHE A 579 0.89 17.27 8.81
N THR A 580 0.85 18.54 8.45
CA THR A 580 1.44 19.01 7.21
C THR A 580 2.86 19.49 7.47
N GLY A 581 3.71 19.34 6.45
CA GLY A 581 5.05 19.86 6.49
C GLY A 581 6.10 18.77 6.43
N SER A 582 7.35 19.21 6.33
CA SER A 582 8.48 18.29 6.26
C SER A 582 8.59 17.54 7.58
N HIS A 583 9.11 16.33 7.51
CA HIS A 583 9.51 15.67 8.74
C HIS A 583 10.88 16.17 9.15
N LEU A 584 11.12 16.23 10.46
CA LEU A 584 12.33 16.85 11.00
C LEU A 584 13.03 15.86 11.91
N THR A 585 14.28 16.17 12.26
CA THR A 585 14.97 15.44 13.31
C THR A 585 15.48 16.46 14.29
N VAL A 586 16.00 15.94 15.41
CA VAL A 586 16.43 16.76 16.53
C VAL A 586 17.94 16.59 16.63
N ARG A 587 18.69 17.61 16.20
CA ARG A 587 20.12 17.43 16.06
C ARG A 587 20.82 17.34 17.41
N ASN A 588 20.33 18.08 18.42
CA ASN A 588 20.89 18.01 19.77
C ASN A 588 20.30 16.89 20.63
N GLY A 589 19.51 15.98 20.04
CA GLY A 589 19.02 14.83 20.78
C GLY A 589 17.64 15.09 21.36
N TYR A 590 16.71 14.14 21.18
CA TYR A 590 15.31 14.44 21.47
C TYR A 590 15.13 14.63 22.98
N SER A 591 16.06 14.10 23.78
CA SER A 591 15.92 14.09 25.22
C SER A 591 15.88 15.48 25.81
N CYS A 592 16.32 16.49 25.06
CA CYS A 592 16.30 17.84 25.61
C CYS A 592 14.88 18.23 26.03
N VAL A 593 13.89 17.56 25.46
CA VAL A 593 12.47 17.88 25.68
C VAL A 593 11.99 17.31 27.02
N PRO A 594 12.01 15.99 27.24
CA PRO A 594 11.66 15.51 28.58
C PRO A 594 12.46 16.18 29.67
N VAL A 595 13.78 16.27 29.49
CA VAL A 595 14.58 16.89 30.54
C VAL A 595 14.06 18.29 30.85
N ALA A 596 13.69 19.03 29.81
CA ALA A 596 13.16 20.37 30.02
C ALA A 596 11.85 20.33 30.80
N LEU A 597 10.96 19.38 30.43
CA LEU A 597 9.67 19.32 31.10
C LEU A 597 9.81 18.90 32.55
N ALA A 598 10.82 18.08 32.86
CA ALA A 598 11.03 17.61 34.24
C ALA A 598 11.39 18.73 35.21
N GLU A 599 11.81 19.90 34.72
CA GLU A 599 12.18 21.01 35.58
C GLU A 599 11.08 21.36 36.56
N GLY A 600 11.40 21.28 37.83
CA GLY A 600 10.48 21.76 38.85
C GLY A 600 9.45 20.75 39.31
N LEU A 601 9.68 19.46 39.08
CA LEU A 601 8.69 18.45 39.40
C LEU A 601 9.29 17.42 40.34
N ASP A 602 8.43 16.82 41.16
CA ASP A 602 8.85 15.81 42.12
C ASP A 602 8.97 14.47 41.42
N ILE A 603 10.19 14.06 41.10
CA ILE A 603 10.40 12.80 40.39
C ILE A 603 11.23 11.87 41.26
N LYS A 604 10.71 10.68 41.50
CA LYS A 604 11.48 9.70 42.27
C LYS A 604 12.03 8.70 41.27
N LEU A 605 13.31 8.77 40.95
CA LEU A 605 13.92 7.83 40.01
C LEU A 605 14.34 6.55 40.71
N ASN A 606 14.60 5.52 39.92
CA ASN A 606 14.95 4.20 40.46
C ASN A 606 13.88 3.70 41.43
N THR A 607 12.62 3.88 41.03
CA THR A 607 11.46 3.60 41.86
C THR A 607 10.52 2.78 41.00
N ALA A 608 10.48 1.48 41.18
CA ALA A 608 9.73 0.60 40.29
C ALA A 608 8.39 0.31 40.93
N VAL A 609 7.32 0.86 40.35
CA VAL A 609 6.00 0.55 40.87
C VAL A 609 5.77 -0.95 40.75
N ARG A 610 5.12 -1.52 41.75
CA ARG A 610 5.04 -2.96 41.78
C ARG A 610 3.59 -3.37 41.96
N GLN A 611 2.81 -2.51 42.62
CA GLN A 611 1.41 -2.79 42.86
C GLN A 611 0.62 -1.49 42.99
N VAL A 612 -0.61 -1.50 42.48
CA VAL A 612 -1.47 -0.33 42.43
C VAL A 612 -2.81 -0.70 43.06
N ARG A 613 -3.15 -0.05 44.17
CA ARG A 613 -4.35 -0.32 44.95
C ARG A 613 -5.26 0.90 44.91
N TYR A 614 -6.52 0.72 44.49
CA TYR A 614 -7.44 1.85 44.35
C TYR A 614 -8.78 1.47 44.99
N THR A 615 -9.25 2.32 45.89
CA THR A 615 -10.46 2.05 46.66
C THR A 615 -11.32 3.30 46.64
N ALA A 616 -12.56 3.15 47.16
CA ALA A 616 -13.50 4.26 47.10
C ALA A 616 -12.98 5.49 47.82
N SER A 617 -12.00 5.33 48.71
CA SER A 617 -11.52 6.45 49.53
C SER A 617 -10.18 6.98 49.09
N GLY A 618 -9.52 6.29 48.16
CA GLY A 618 -8.23 6.73 47.68
C GLY A 618 -7.38 5.57 47.21
N CYS A 619 -6.09 5.84 47.05
CA CYS A 619 -5.22 4.94 46.32
C CYS A 619 -3.95 4.82 47.09
N GLU A 620 -3.36 3.64 47.07
CA GLU A 620 -1.98 3.56 47.53
C GLU A 620 -1.18 2.80 46.48
N VAL A 621 -0.02 3.35 46.14
CA VAL A 621 0.89 2.79 45.15
C VAL A 621 2.11 2.26 45.88
N ILE A 622 2.48 1.00 45.63
CA ILE A 622 3.60 0.32 46.29
C ILE A 622 4.75 0.16 45.30
N ALA A 623 5.91 0.75 45.62
CA ALA A 623 7.07 0.65 44.73
C ALA A 623 8.33 0.23 45.51
N VAL A 624 9.32 -0.27 44.77
CA VAL A 624 10.60 -0.68 45.35
C VAL A 624 11.72 0.13 44.70
N ASN A 625 12.90 0.08 45.31
CA ASN A 625 14.11 0.66 44.75
C ASN A 625 14.76 -0.32 43.77
N THR A 626 15.03 0.15 42.55
CA THR A 626 15.54 -0.76 41.51
C THR A 626 16.95 -1.27 41.81
N ARG A 627 17.70 -0.54 42.64
CA ARG A 627 19.06 -0.94 42.96
C ARG A 627 19.09 -1.99 44.08
N SER A 628 18.31 -1.82 45.15
CA SER A 628 18.08 -2.88 46.13
C SER A 628 16.58 -3.08 46.31
N THR A 629 16.05 -4.19 45.78
CA THR A 629 14.59 -4.38 45.72
C THR A 629 13.95 -4.56 47.09
N SER A 630 14.71 -4.83 48.15
CA SER A 630 14.09 -5.00 49.45
C SER A 630 13.50 -3.70 49.97
N GLN A 631 14.19 -2.57 49.76
CA GLN A 631 13.72 -1.26 50.19
C GLN A 631 12.37 -0.91 49.54
N THR A 632 11.31 -0.76 50.34
CA THR A 632 9.93 -0.72 49.86
C THR A 632 9.28 0.62 50.18
N PHE A 633 8.49 1.15 49.25
CA PHE A 633 7.82 2.44 49.44
C PHE A 633 6.31 2.34 49.25
N ILE A 634 5.59 3.18 50.01
CA ILE A 634 4.13 3.26 49.95
C ILE A 634 3.77 4.71 49.69
N TYR A 635 3.02 4.95 48.62
CA TYR A 635 2.57 6.29 48.27
C TYR A 635 1.05 6.32 48.30
N LYS A 636 0.49 7.33 48.97
CA LYS A 636 -0.96 7.42 49.15
C LYS A 636 -1.46 8.68 48.46
N CYS A 637 -2.56 8.54 47.73
CA CYS A 637 -2.97 9.63 46.86
C CYS A 637 -4.45 9.53 46.57
N ASP A 638 -5.00 10.63 46.06
CA ASP A 638 -6.40 10.67 45.64
C ASP A 638 -6.62 9.96 44.31
N ALA A 639 -5.58 9.83 43.49
CA ALA A 639 -5.69 9.43 42.09
C ALA A 639 -4.35 8.91 41.60
N VAL A 640 -4.39 7.87 40.78
CA VAL A 640 -3.20 7.38 40.07
C VAL A 640 -3.39 7.60 38.56
N LEU A 641 -2.38 8.18 37.93
CA LEU A 641 -2.32 8.29 36.48
C LEU A 641 -1.26 7.31 36.00
N CYS A 642 -1.71 6.24 35.37
CA CYS A 642 -0.83 5.22 34.82
C CYS A 642 -0.38 5.62 33.41
N THR A 643 0.94 5.72 33.18
CA THR A 643 1.44 5.83 31.80
C THR A 643 2.38 4.67 31.50
N LEU A 644 2.17 3.54 32.15
CA LEU A 644 2.95 2.34 31.87
C LEU A 644 2.83 1.99 30.40
N PRO A 645 3.93 1.69 29.72
CA PRO A 645 3.83 1.30 28.32
C PRO A 645 2.91 0.11 28.14
N LEU A 646 2.26 0.06 26.98
CA LEU A 646 1.38 -1.07 26.70
C LEU A 646 2.12 -2.40 26.82
N GLY A 647 3.41 -2.42 26.49
CA GLY A 647 4.17 -3.66 26.62
C GLY A 647 4.28 -4.13 28.05
N VAL A 648 4.43 -3.18 28.99
CA VAL A 648 4.44 -3.52 30.40
C VAL A 648 3.07 -4.04 30.83
N LEU A 649 2.00 -3.31 30.48
CA LEU A 649 0.66 -3.76 30.84
C LEU A 649 0.33 -5.12 30.27
N LYS A 650 1.03 -5.54 29.23
CA LYS A 650 0.77 -6.80 28.54
C LYS A 650 1.47 -7.98 29.22
N GLN A 651 2.48 -7.70 30.04
CA GLN A 651 3.40 -8.70 30.55
C GLN A 651 2.67 -9.75 31.39
N GLN A 652 2.84 -11.03 31.01
CA GLN A 652 2.49 -12.18 31.88
C GLN A 652 3.72 -13.01 32.19
N PRO A 653 4.06 -13.21 33.48
CA PRO A 653 3.25 -12.76 34.62
C PRO A 653 3.44 -11.27 34.89
N PRO A 654 2.45 -10.63 35.53
CA PRO A 654 2.44 -9.17 35.65
C PRO A 654 3.69 -8.58 36.29
N ALA A 655 4.22 -7.52 35.67
CA ALA A 655 5.22 -6.69 36.33
C ALA A 655 4.59 -5.74 37.34
N VAL A 656 3.31 -5.39 37.13
CA VAL A 656 2.56 -4.52 38.04
C VAL A 656 1.20 -5.16 38.30
N GLN A 657 0.84 -5.28 39.56
CA GLN A 657 -0.40 -5.91 39.97
C GLN A 657 -1.43 -4.83 40.33
N PHE A 658 -2.66 -5.00 39.86
CA PHE A 658 -3.71 -4.05 40.19
C PHE A 658 -4.65 -4.66 41.24
N VAL A 659 -5.01 -3.85 42.22
CA VAL A 659 -5.84 -4.30 43.32
C VAL A 659 -6.98 -3.31 43.54
N PRO A 660 -8.22 -3.65 43.13
CA PRO A 660 -8.62 -4.90 42.47
C PRO A 660 -8.11 -5.03 41.03
N PRO A 661 -8.21 -6.22 40.47
CA PRO A 661 -7.76 -6.40 39.07
C PRO A 661 -8.55 -5.49 38.14
N LEU A 662 -7.88 -5.08 37.07
CA LEU A 662 -8.55 -4.32 36.01
C LEU A 662 -9.73 -5.13 35.45
N PRO A 663 -10.84 -4.47 35.17
CA PRO A 663 -11.99 -5.19 34.57
C PRO A 663 -11.63 -5.83 33.24
N GLU A 664 -12.40 -6.86 32.90
CA GLU A 664 -12.24 -7.61 31.62
C GLU A 664 -12.25 -6.68 30.41
N TRP A 665 -13.10 -5.66 30.40
CA TRP A 665 -13.10 -4.79 29.22
C TRP A 665 -11.76 -4.08 29.05
N LYS A 666 -11.00 -3.87 30.12
CA LYS A 666 -9.69 -3.25 29.94
C LYS A 666 -8.64 -4.29 29.54
N THR A 667 -8.62 -5.43 30.23
CA THR A 667 -7.57 -6.40 29.96
C THR A 667 -7.72 -6.96 28.56
N SER A 668 -8.96 -7.13 28.08
CA SER A 668 -9.18 -7.59 26.72
C SER A 668 -8.65 -6.60 25.70
N ALA A 669 -8.89 -5.31 25.89
CA ALA A 669 -8.23 -4.32 25.07
C ALA A 669 -6.71 -4.46 25.10
N VAL A 670 -6.12 -4.73 26.27
CA VAL A 670 -4.67 -4.90 26.35
C VAL A 670 -4.21 -6.11 25.55
N GLN A 671 -4.92 -7.25 25.69
CA GLN A 671 -4.64 -8.38 24.80
C GLN A 671 -4.77 -8.02 23.32
N ARG A 672 -5.91 -7.48 22.90
CA ARG A 672 -6.15 -7.31 21.47
C ARG A 672 -5.12 -6.39 20.83
N MET A 673 -4.69 -5.37 21.57
CA MET A 673 -3.83 -4.39 20.93
C MET A 673 -2.47 -4.99 20.59
N GLY A 674 -1.76 -4.32 19.69
CA GLY A 674 -0.46 -4.74 19.26
C GLY A 674 0.57 -3.81 19.85
N PHE A 675 1.64 -4.39 20.36
CA PHE A 675 2.78 -3.61 20.81
C PHE A 675 3.98 -4.14 20.06
N GLY A 676 4.47 -3.36 19.10
CA GLY A 676 5.54 -3.79 18.22
C GLY A 676 6.92 -3.53 18.75
N ASN A 677 7.88 -3.57 17.83
CA ASN A 677 9.30 -3.61 18.15
C ASN A 677 10.08 -3.06 16.95
N LEU A 678 11.20 -2.41 17.26
CA LEU A 678 12.01 -1.66 16.30
C LEU A 678 13.31 -1.24 16.98
N ASN A 679 14.48 -1.56 16.42
CA ASN A 679 15.73 -1.31 17.14
C ASN A 679 16.70 -0.45 16.31
N LYS A 680 17.74 0.05 16.97
CA LYS A 680 18.68 0.96 16.32
C LYS A 680 20.12 0.56 16.63
N VAL A 681 20.99 0.70 15.62
CA VAL A 681 22.42 0.57 15.81
C VAL A 681 23.05 1.94 15.56
N VAL A 682 23.67 2.49 16.59
CA VAL A 682 24.39 3.75 16.46
C VAL A 682 25.84 3.45 16.14
N LEU A 683 26.34 4.03 15.06
CA LEU A 683 27.70 3.80 14.57
C LEU A 683 28.44 5.13 14.60
N CYS A 684 29.39 5.24 15.53
CA CYS A 684 30.16 6.46 15.77
C CYS A 684 31.53 6.33 15.10
N PHE A 685 31.74 7.08 14.03
CA PHE A 685 32.99 7.02 13.31
C PHE A 685 33.82 8.26 13.62
N ASP A 686 35.10 8.22 13.25
CA ASP A 686 35.91 9.42 13.32
C ASP A 686 36.05 10.12 11.98
N ARG A 687 35.32 9.71 10.94
CA ARG A 687 35.32 10.45 9.67
C ARG A 687 34.05 10.19 8.88
N VAL A 688 33.43 11.27 8.43
CA VAL A 688 32.30 11.16 7.51
C VAL A 688 32.77 10.65 6.15
N PHE A 689 32.28 9.48 5.74
CA PHE A 689 32.66 8.85 4.48
C PHE A 689 31.47 8.56 3.56
N TRP A 690 30.30 9.07 3.88
CA TRP A 690 29.08 8.83 3.12
C TRP A 690 28.73 10.12 2.40
N ASP A 691 27.67 10.08 1.65
CA ASP A 691 27.28 11.34 1.03
C ASP A 691 26.56 12.23 2.04
N PRO A 692 27.19 13.31 2.53
CA PRO A 692 26.54 14.16 3.54
C PRO A 692 25.34 14.95 3.03
N SER A 693 25.12 15.01 1.73
CA SER A 693 23.91 15.64 1.20
C SER A 693 22.70 14.71 1.25
N VAL A 694 22.92 13.48 1.70
CA VAL A 694 21.90 12.45 1.80
C VAL A 694 21.67 12.18 3.28
N ASN A 695 20.42 12.35 3.72
CA ASN A 695 20.13 12.05 5.11
C ASN A 695 19.97 10.55 5.34
N LEU A 696 19.55 9.81 4.33
CA LEU A 696 19.19 8.43 4.59
C LEU A 696 19.30 7.60 3.31
N PHE A 697 19.82 6.38 3.44
CA PHE A 697 19.99 5.49 2.29
C PHE A 697 19.71 4.05 2.69
N GLY A 698 19.17 3.28 1.74
CA GLY A 698 18.71 1.94 2.01
C GLY A 698 19.70 0.87 1.62
N HIS A 699 19.51 -0.30 2.22
CA HIS A 699 20.24 -1.51 1.87
C HIS A 699 19.21 -2.59 1.60
N VAL A 700 19.27 -3.20 0.42
CA VAL A 700 18.28 -4.20 0.05
C VAL A 700 18.73 -5.56 0.54
N GLY A 701 17.80 -6.33 1.08
CA GLY A 701 18.13 -7.58 1.72
C GLY A 701 18.12 -8.73 0.75
N SER A 702 18.97 -9.73 1.04
CA SER A 702 19.04 -10.92 0.19
C SER A 702 17.74 -11.70 0.22
N THR A 703 17.06 -11.75 1.36
CA THR A 703 15.93 -12.64 1.52
C THR A 703 14.72 -11.82 1.92
N THR A 704 13.53 -12.42 1.78
CA THR A 704 12.33 -11.82 2.34
C THR A 704 12.39 -11.84 3.87
N ALA A 705 12.74 -12.99 4.43
CA ALA A 705 12.75 -13.14 5.88
C ALA A 705 13.70 -12.16 6.57
N SER A 706 14.72 -11.65 5.87
CA SER A 706 15.66 -10.72 6.48
C SER A 706 15.50 -9.32 5.90
N ARG A 707 14.31 -8.99 5.43
CA ARG A 707 14.15 -7.71 4.75
C ARG A 707 14.30 -6.53 5.69
N GLY A 708 14.18 -6.73 7.01
CA GLY A 708 14.29 -5.62 7.94
C GLY A 708 15.68 -5.49 8.55
N GLU A 709 16.51 -6.52 8.38
CA GLU A 709 17.83 -6.61 9.01
C GLU A 709 18.74 -5.53 8.44
N LEU A 710 18.88 -4.43 9.17
CA LEU A 710 19.80 -3.36 8.81
C LEU A 710 19.49 -2.76 7.44
N PHE A 711 18.22 -2.47 7.19
CA PHE A 711 17.74 -2.09 5.88
C PHE A 711 17.79 -0.59 5.59
N LEU A 712 18.23 0.24 6.54
CA LEU A 712 18.14 1.68 6.31
C LEU A 712 19.11 2.41 7.22
N PHE A 713 19.76 3.45 6.70
CA PHE A 713 20.79 4.16 7.42
C PHE A 713 20.47 5.65 7.47
N TRP A 714 20.73 6.30 8.61
CA TRP A 714 20.36 7.69 8.85
C TRP A 714 21.60 8.51 9.13
N ASN A 715 21.72 9.65 8.44
CA ASN A 715 22.77 10.65 8.63
C ASN A 715 22.08 11.93 9.09
N LEU A 716 22.02 12.13 10.40
CA LEU A 716 21.14 13.16 10.95
C LEU A 716 21.90 14.19 11.74
N TYR A 717 23.12 13.87 12.15
CA TYR A 717 23.78 14.56 13.24
C TYR A 717 24.99 15.32 12.75
N LYS A 718 25.42 16.25 13.60
CA LYS A 718 26.60 17.02 13.30
C LYS A 718 27.82 16.11 13.21
N ALA A 719 28.13 15.41 14.30
CA ALA A 719 29.26 14.47 14.36
C ALA A 719 29.10 13.36 13.31
N PRO A 720 30.19 12.65 13.01
CA PRO A 720 30.10 11.51 12.09
C PRO A 720 29.40 10.31 12.68
N ILE A 721 28.07 10.32 12.61
CA ILE A 721 27.25 9.25 13.14
C ILE A 721 26.31 8.78 12.04
N LEU A 722 26.35 7.48 11.78
CA LEU A 722 25.34 6.80 11.00
C LEU A 722 24.47 5.95 11.92
N LEU A 723 23.18 5.86 11.56
CA LEU A 723 22.20 5.23 12.42
C LEU A 723 21.51 4.15 11.59
N ALA A 724 21.45 2.92 12.08
CA ALA A 724 20.96 1.80 11.28
C ALA A 724 19.75 1.11 11.91
N LEU A 725 18.68 0.96 11.12
CA LEU A 725 17.39 0.43 11.60
C LEU A 725 17.29 -1.09 11.49
N VAL A 726 16.57 -1.70 12.42
CA VAL A 726 16.23 -3.12 12.35
C VAL A 726 14.71 -3.26 12.55
N ALA A 727 13.99 -3.66 11.50
CA ALA A 727 12.53 -3.65 11.52
C ALA A 727 11.98 -5.06 11.37
N GLY A 728 10.66 -5.15 11.28
CA GLY A 728 9.92 -6.35 10.96
C GLY A 728 10.33 -7.53 11.82
N GLU A 729 10.19 -8.74 11.27
CA GLU A 729 10.56 -9.94 12.01
C GLU A 729 12.03 -9.94 12.42
N ALA A 730 12.85 -9.15 11.75
CA ALA A 730 14.28 -9.10 12.09
C ALA A 730 14.49 -8.56 13.50
N ALA A 731 13.73 -7.53 13.88
CA ALA A 731 13.91 -6.85 15.17
C ALA A 731 13.97 -7.83 16.34
N GLY A 732 12.97 -8.70 16.44
CA GLY A 732 12.94 -9.63 17.55
C GLY A 732 14.05 -10.66 17.50
N ILE A 733 14.51 -10.99 16.29
CA ILE A 733 15.60 -11.96 16.13
C ILE A 733 16.93 -11.35 16.58
N MET A 734 17.27 -10.17 16.03
CA MET A 734 18.54 -9.54 16.30
C MET A 734 18.78 -9.25 17.77
N GLU A 735 17.74 -9.30 18.62
CA GLU A 735 17.98 -9.00 20.03
C GLU A 735 18.80 -10.10 20.68
N ASN A 736 18.74 -11.33 20.15
CA ASN A 736 19.48 -12.49 20.62
C ASN A 736 20.84 -12.64 19.95
N ILE A 737 21.34 -11.59 19.30
CA ILE A 737 22.65 -11.59 18.66
C ILE A 737 23.48 -10.53 19.36
N SER A 738 24.74 -10.86 19.66
CA SER A 738 25.61 -9.94 20.38
C SER A 738 25.90 -8.69 19.55
N ASP A 739 26.33 -7.64 20.27
CA ASP A 739 26.54 -6.33 19.63
C ASP A 739 27.65 -6.38 18.58
N ASP A 740 28.71 -7.14 18.85
CA ASP A 740 29.86 -7.14 17.94
C ASP A 740 29.50 -7.81 16.62
N VAL A 741 28.78 -8.93 16.68
CA VAL A 741 28.25 -9.51 15.45
C VAL A 741 27.36 -8.51 14.71
N ILE A 742 26.53 -7.74 15.43
CA ILE A 742 25.61 -6.82 14.76
C ILE A 742 26.38 -5.67 14.13
N VAL A 743 27.27 -5.03 14.90
CA VAL A 743 28.04 -3.93 14.29
C VAL A 743 28.88 -4.48 13.14
N GLY A 744 29.29 -5.74 13.22
CA GLY A 744 29.98 -6.42 12.13
C GLY A 744 29.16 -6.43 10.85
N ARG A 745 27.98 -7.02 10.91
CA ARG A 745 27.10 -7.08 9.73
C ARG A 745 26.87 -5.68 9.19
N CYS A 746 26.89 -4.69 10.06
CA CYS A 746 26.72 -3.30 9.61
C CYS A 746 27.92 -2.86 8.80
N LEU A 747 29.10 -3.22 9.29
CA LEU A 747 30.34 -2.79 8.62
C LEU A 747 30.41 -3.42 7.24
N ALA A 748 30.03 -4.69 7.14
CA ALA A 748 30.10 -5.36 5.84
C ALA A 748 29.22 -4.61 4.86
N ILE A 749 28.00 -4.28 5.26
CA ILE A 749 27.08 -3.61 4.30
C ILE A 749 27.66 -2.29 3.89
N LEU A 750 28.19 -1.54 4.83
CA LEU A 750 28.75 -0.22 4.49
C LEU A 750 29.95 -0.38 3.58
N LYS A 751 30.78 -1.38 3.83
CA LYS A 751 31.95 -1.56 2.95
C LYS A 751 31.46 -1.90 1.54
N GLY A 752 30.46 -2.76 1.43
CA GLY A 752 29.89 -3.11 0.13
C GLY A 752 29.50 -1.89 -0.65
N ILE A 753 28.95 -0.88 -0.01
CA ILE A 753 28.53 0.32 -0.73
C ILE A 753 29.69 1.29 -0.94
N PHE A 754 30.57 1.44 0.03
CA PHE A 754 31.54 2.53 -0.01
C PHE A 754 32.97 2.04 -0.22
N GLY A 755 33.20 0.72 -0.23
CA GLY A 755 34.53 0.18 -0.42
C GLY A 755 35.24 -0.13 0.88
N SER A 756 35.86 -1.31 0.97
CA SER A 756 36.49 -1.79 2.20
C SER A 756 37.55 -0.82 2.75
N SER A 757 37.95 0.21 2.00
CA SER A 757 39.00 1.11 2.45
C SER A 757 38.49 2.40 3.04
N ALA A 758 37.23 2.79 2.77
CA ALA A 758 36.67 4.05 3.25
C ALA A 758 35.92 3.92 4.57
N VAL A 759 35.76 2.71 5.11
CA VAL A 759 34.93 2.45 6.28
C VAL A 759 35.80 2.04 7.45
N PRO A 760 36.16 2.97 8.33
CA PRO A 760 37.02 2.64 9.48
C PRO A 760 36.24 1.87 10.53
N GLN A 761 36.97 1.33 11.51
CA GLN A 761 36.28 0.81 12.67
C GLN A 761 35.61 1.96 13.43
N PRO A 762 34.42 1.74 14.00
CA PRO A 762 33.76 2.81 14.75
C PRO A 762 34.39 3.01 16.14
N LYS A 763 34.37 4.27 16.60
CA LYS A 763 34.89 4.58 17.92
C LYS A 763 33.96 4.11 19.03
N GLU A 764 32.65 4.34 18.88
CA GLU A 764 31.62 4.00 19.85
C GLU A 764 30.45 3.31 19.15
N THR A 765 29.91 2.27 19.79
CA THR A 765 28.76 1.53 19.26
C THR A 765 27.72 1.27 20.35
N VAL A 766 26.47 1.52 20.01
CA VAL A 766 25.30 1.27 20.86
C VAL A 766 24.26 0.49 20.06
N VAL A 767 23.69 -0.55 20.65
CA VAL A 767 22.64 -1.33 20.01
C VAL A 767 21.45 -1.40 20.96
N SER A 768 20.30 -0.87 20.55
CA SER A 768 19.09 -0.96 21.34
C SER A 768 18.49 -2.37 21.34
N ARG A 769 17.78 -2.72 22.44
CA ARG A 769 17.01 -3.97 22.54
C ARG A 769 15.74 -3.63 23.34
N TRP A 770 14.78 -3.00 22.66
CA TRP A 770 13.61 -2.45 23.32
C TRP A 770 12.65 -3.54 23.76
N ARG A 771 12.57 -4.67 23.05
CA ARG A 771 11.67 -5.70 23.54
C ARG A 771 12.23 -6.32 24.82
N ALA A 772 13.55 -6.33 24.94
CA ALA A 772 14.20 -6.83 26.13
C ALA A 772 14.08 -5.86 27.30
N ASP A 773 13.95 -4.56 27.03
CA ASP A 773 13.87 -3.56 28.09
C ASP A 773 12.64 -3.80 28.97
N PRO A 774 12.82 -4.08 30.26
CA PRO A 774 11.66 -4.38 31.12
C PRO A 774 10.73 -3.17 31.42
N TRP A 775 11.13 -1.93 31.12
CA TRP A 775 10.29 -0.74 31.29
C TRP A 775 9.70 -0.27 29.96
N ALA A 776 9.76 -1.11 28.93
CA ALA A 776 9.19 -0.82 27.63
C ALA A 776 8.57 -2.09 27.08
N ARG A 777 9.36 -3.16 26.94
CA ARG A 777 8.85 -4.43 26.41
C ARG A 777 8.35 -4.29 24.97
N GLY A 778 9.00 -3.41 24.22
CA GLY A 778 8.58 -3.07 22.88
C GLY A 778 8.87 -1.62 22.59
N SER A 779 8.51 -1.19 21.38
CA SER A 779 8.80 0.16 20.92
C SER A 779 7.57 1.06 20.89
N TYR A 780 6.48 0.64 20.24
CA TYR A 780 5.23 1.40 20.24
C TYR A 780 4.10 0.57 19.69
N SER A 781 2.88 1.04 19.91
CA SER A 781 1.73 0.23 19.62
C SER A 781 1.40 0.28 18.12
N TYR A 782 0.53 -0.64 17.70
CA TYR A 782 0.14 -0.78 16.32
C TYR A 782 -1.27 -1.37 16.30
N VAL A 783 -2.01 -1.12 15.23
CA VAL A 783 -3.39 -1.59 15.17
C VAL A 783 -3.33 -3.05 14.73
N ALA A 784 -3.37 -3.95 15.70
CA ALA A 784 -3.26 -5.37 15.43
C ALA A 784 -4.49 -5.86 14.70
N ALA A 785 -4.31 -6.91 13.91
CA ALA A 785 -5.45 -7.59 13.33
C ALA A 785 -6.36 -8.06 14.47
N GLY A 786 -7.67 -7.98 14.25
CA GLY A 786 -8.64 -8.20 15.31
C GLY A 786 -8.84 -7.04 16.26
N SER A 787 -8.04 -6.00 16.18
CA SER A 787 -8.19 -4.82 16.99
C SER A 787 -8.70 -3.71 16.09
N SER A 788 -8.84 -2.53 16.66
CA SER A 788 -9.32 -1.39 15.91
C SER A 788 -8.95 -0.15 16.70
N GLY A 789 -9.22 1.01 16.12
CA GLY A 789 -8.95 2.18 16.90
C GLY A 789 -9.89 2.33 18.06
N ASN A 790 -10.87 1.45 18.18
CA ASN A 790 -11.82 1.66 19.26
C ASN A 790 -11.14 1.29 20.58
N ASP A 791 -10.18 0.37 20.49
CA ASP A 791 -9.43 -0.10 21.64
C ASP A 791 -8.57 0.99 22.24
N TYR A 792 -8.06 1.90 21.42
CA TYR A 792 -7.32 3.02 21.96
C TYR A 792 -8.22 3.84 22.90
N ASP A 793 -9.53 3.85 22.64
CA ASP A 793 -10.45 4.59 23.50
C ASP A 793 -10.74 3.83 24.78
N LEU A 794 -10.98 2.53 24.67
CA LEU A 794 -10.99 1.68 25.84
C LEU A 794 -9.78 1.93 26.73
N MET A 795 -8.56 1.95 26.16
CA MET A 795 -7.39 2.16 27.02
C MET A 795 -7.46 3.48 27.77
N ALA A 796 -8.07 4.49 27.19
CA ALA A 796 -8.05 5.77 27.89
C ALA A 796 -9.14 5.91 28.95
N GLN A 797 -10.08 4.96 29.06
CA GLN A 797 -11.23 5.13 29.94
C GLN A 797 -10.81 4.90 31.39
N PRO A 798 -11.00 5.86 32.29
CA PRO A 798 -10.54 5.68 33.67
C PRO A 798 -11.33 4.61 34.40
N ILE A 799 -10.73 4.06 35.47
CA ILE A 799 -11.35 3.03 36.29
C ILE A 799 -11.97 3.61 37.58
N THR A 800 -13.20 3.20 37.88
CA THR A 800 -13.88 3.66 39.10
C THR A 800 -14.06 2.45 39.99
N PRO A 801 -13.52 2.43 41.22
CA PRO A 801 -13.65 1.31 42.11
C PRO A 801 -15.03 1.15 42.72
N GLY A 802 -15.33 -0.02 43.26
CA GLY A 802 -16.63 -0.28 43.91
C GLY A 802 -16.73 0.38 45.27
N PRO A 803 -17.91 0.54 45.85
CA PRO A 803 -18.01 1.19 47.14
C PRO A 803 -17.39 0.36 48.27
N SER A 804 -16.74 1.04 49.21
CA SER A 804 -16.13 0.34 50.37
C SER A 804 -17.24 -0.26 51.22
N ILE A 805 -18.29 0.49 51.45
CA ILE A 805 -19.43 0.00 52.26
C ILE A 805 -20.55 -0.31 51.29
N PRO A 806 -21.14 -1.49 51.26
CA PRO A 806 -22.20 -1.74 50.30
C PRO A 806 -23.37 -0.80 50.58
N GLY A 807 -23.95 -0.27 49.51
CA GLY A 807 -25.07 0.68 49.58
C GLY A 807 -24.59 2.11 49.71
N ALA A 808 -23.29 2.31 49.69
CA ALA A 808 -22.77 3.68 49.73
C ALA A 808 -22.89 4.24 48.33
N PRO A 809 -22.94 5.56 48.15
CA PRO A 809 -23.11 6.13 46.85
C PRO A 809 -21.91 5.84 45.96
N GLN A 810 -22.17 5.72 44.67
CA GLN A 810 -21.16 5.40 43.64
C GLN A 810 -20.02 6.41 43.69
N PRO A 811 -18.77 5.94 43.71
CA PRO A 811 -17.62 6.79 43.84
C PRO A 811 -17.09 7.45 42.57
N ILE A 812 -16.08 8.28 42.80
CA ILE A 812 -15.24 9.04 41.84
C ILE A 812 -14.33 8.06 41.13
N PRO A 813 -13.83 8.35 39.92
CA PRO A 813 -12.88 7.50 39.28
C PRO A 813 -11.55 7.77 39.97
N ARG A 814 -10.73 6.73 40.09
CA ARG A 814 -9.46 6.80 40.82
C ARG A 814 -8.23 6.47 40.00
N LEU A 815 -8.35 5.65 38.97
CA LEU A 815 -7.22 5.19 38.14
C LEU A 815 -7.39 5.71 36.71
N PHE A 816 -6.41 6.51 36.25
CA PHE A 816 -6.43 7.17 34.95
C PHE A 816 -5.25 6.68 34.09
N PHE A 817 -5.41 6.75 32.76
CA PHE A 817 -4.40 6.19 31.85
C PHE A 817 -4.04 7.19 30.76
N ALA A 818 -2.75 7.36 30.55
CA ALA A 818 -2.26 8.16 29.45
C ALA A 818 -1.08 7.41 28.87
N GLY A 819 -0.47 7.98 27.82
CA GLY A 819 0.53 7.28 27.04
C GLY A 819 0.12 7.08 25.59
N GLU A 820 1.11 6.79 24.73
CA GLU A 820 0.87 6.72 23.30
C GLU A 820 -0.16 5.66 22.92
N HIS A 821 -0.31 4.63 23.74
CA HIS A 821 -1.29 3.61 23.42
C HIS A 821 -2.71 4.03 23.81
N THR A 822 -2.92 5.27 24.25
CA THR A 822 -4.23 5.73 24.75
C THR A 822 -4.88 6.81 23.91
N ILE A 823 -4.31 7.22 22.79
CA ILE A 823 -4.81 8.34 22.01
C ILE A 823 -5.08 7.85 20.59
N ARG A 824 -6.35 7.55 20.31
CA ARG A 824 -6.83 7.00 19.02
C ARG A 824 -6.30 7.78 17.82
N ASN A 825 -6.42 9.10 17.82
CA ASN A 825 -6.04 9.85 16.61
C ASN A 825 -4.54 10.13 16.49
N TYR A 826 -3.70 9.84 17.50
CA TYR A 826 -2.27 10.06 17.30
C TYR A 826 -1.43 9.00 17.98
N PRO A 827 -1.71 7.71 17.76
CA PRO A 827 -0.99 6.68 18.51
C PRO A 827 0.47 6.62 18.11
N ALA A 828 1.25 6.05 19.02
CA ALA A 828 2.63 5.61 18.77
C ALA A 828 3.56 6.74 18.40
N THR A 829 3.34 7.94 18.91
CA THR A 829 4.23 9.06 18.60
C THR A 829 4.55 9.82 19.87
N VAL A 830 5.51 10.73 19.80
CA VAL A 830 5.77 11.57 20.96
C VAL A 830 4.70 12.62 21.12
N HIS A 831 4.29 13.27 20.02
CA HIS A 831 3.19 14.23 20.15
C HIS A 831 1.94 13.54 20.67
N GLY A 832 1.76 12.26 20.32
CA GLY A 832 0.56 11.58 20.78
C GLY A 832 0.61 11.31 22.26
N ALA A 833 1.77 10.91 22.78
CA ALA A 833 1.95 10.77 24.20
C ALA A 833 1.63 12.08 24.89
N LEU A 834 2.31 13.15 24.46
CA LEU A 834 2.15 14.45 25.08
C LEU A 834 0.69 14.85 25.14
N LEU A 835 -0.01 14.76 24.02
CA LEU A 835 -1.42 15.12 24.04
C LEU A 835 -2.18 14.29 25.07
N SER A 836 -1.82 13.01 25.24
CA SER A 836 -2.59 12.18 26.17
C SER A 836 -2.35 12.63 27.60
N GLY A 837 -1.13 13.05 27.91
CA GLY A 837 -0.89 13.63 29.22
C GLY A 837 -1.72 14.88 29.43
N LEU A 838 -1.76 15.77 28.43
CA LEU A 838 -2.56 16.97 28.59
C LEU A 838 -4.01 16.60 28.83
N ARG A 839 -4.48 15.55 28.17
CA ARG A 839 -5.87 15.17 28.26
C ARG A 839 -6.21 14.71 29.65
N GLU A 840 -5.45 13.76 30.20
CA GLU A 840 -5.76 13.26 31.54
C GLU A 840 -5.65 14.38 32.57
N ALA A 841 -4.66 15.27 32.42
CA ALA A 841 -4.55 16.35 33.39
C ALA A 841 -5.82 17.18 33.42
N GLY A 842 -6.38 17.47 32.26
CA GLY A 842 -7.66 18.12 32.28
C GLY A 842 -8.73 17.25 32.90
N ARG A 843 -8.68 15.95 32.63
CA ARG A 843 -9.76 15.10 33.10
C ARG A 843 -9.70 14.97 34.61
N ILE A 844 -8.49 14.81 35.15
CA ILE A 844 -8.30 14.65 36.59
C ILE A 844 -8.67 15.92 37.32
N ALA A 845 -8.21 17.07 36.80
CA ALA A 845 -8.55 18.36 37.42
C ALA A 845 -10.06 18.60 37.45
N ASP A 846 -10.75 18.30 36.35
CA ASP A 846 -12.21 18.45 36.33
C ASP A 846 -12.87 17.62 37.41
N GLN A 847 -12.24 16.49 37.78
CA GLN A 847 -12.79 15.60 38.79
C GLN A 847 -12.55 16.16 40.18
N PHE A 848 -11.31 16.57 40.47
CA PHE A 848 -10.86 16.84 41.82
C PHE A 848 -10.81 18.31 42.18
N LEU A 849 -10.94 19.17 41.18
CA LEU A 849 -10.92 20.63 41.46
C LEU A 849 -12.23 21.24 41.02
N GLY A 850 -12.98 20.53 40.19
CA GLY A 850 -14.27 20.99 39.70
C GLY A 850 -14.16 21.77 38.42
N ALA A 851 -15.16 21.67 37.57
CA ALA A 851 -15.13 22.43 36.31
C ALA A 851 -16.13 23.56 36.47
N MET A 852 -15.66 24.78 36.61
CA MET A 852 -16.61 25.88 36.88
C MET A 852 -16.99 26.59 35.60
N TYR A 853 -16.56 26.07 34.46
CA TYR A 853 -16.79 26.73 33.15
C TYR A 853 -18.04 26.17 32.47
N THR A 854 -18.88 25.44 33.17
CA THR A 854 -20.05 24.79 32.50
C THR A 854 -21.40 25.51 32.69
N LEU A 855 -21.52 26.45 33.63
CA LEU A 855 -22.75 27.23 33.84
C LEU A 855 -23.03 28.22 32.71
N ARG B 12 -13.23 3.56 -5.92
CA ARG B 12 -14.41 2.80 -6.33
C ARG B 12 -13.98 1.57 -7.14
N LYS B 13 -12.89 1.73 -7.90
CA LYS B 13 -12.35 0.68 -8.76
C LYS B 13 -10.92 0.39 -8.40
N PRO B 14 -10.38 -0.78 -8.70
CA PRO B 14 -8.98 -1.11 -8.39
C PRO B 14 -8.05 -0.30 -9.24
N PRO B 15 -6.86 0.03 -8.77
CA PRO B 15 -5.93 0.83 -9.56
C PRO B 15 -5.72 0.19 -10.93
N LYS B 16 -5.49 1.03 -11.93
CA LYS B 16 -5.30 0.51 -13.29
C LYS B 16 -4.13 -0.47 -13.32
N GLY B 17 -4.27 -1.55 -14.07
CA GLY B 17 -3.26 -2.59 -14.12
C GLY B 17 -3.19 -3.51 -12.92
N MET B 18 -4.07 -3.35 -11.92
CA MET B 18 -4.30 -4.36 -10.92
C MET B 18 -5.55 -5.15 -11.29
N PHE B 19 -5.50 -6.45 -11.05
CA PHE B 19 -6.60 -7.32 -11.41
C PHE B 19 -7.06 -8.06 -10.16
N LEU B 20 -8.34 -7.92 -9.85
CA LEU B 20 -8.87 -8.17 -8.52
C LEU B 20 -10.38 -8.34 -8.64
N SER B 21 -10.79 -9.56 -8.90
CA SER B 21 -12.24 -9.80 -9.02
C SER B 21 -12.64 -10.67 -7.86
N GLN B 22 -13.88 -10.56 -7.42
CA GLN B 22 -14.30 -11.33 -6.23
C GLN B 22 -14.16 -12.83 -6.47
N GLU B 23 -14.51 -13.29 -7.66
CA GLU B 23 -14.42 -14.74 -7.94
C GLU B 23 -12.97 -15.20 -7.84
N ASP B 24 -12.03 -14.41 -8.32
CA ASP B 24 -10.63 -14.87 -8.26
C ASP B 24 -10.15 -14.91 -6.82
N VAL B 25 -10.67 -14.04 -5.95
CA VAL B 25 -10.05 -14.00 -4.64
C VAL B 25 -10.41 -15.24 -3.85
N GLU B 26 -11.69 -15.63 -3.90
CA GLU B 26 -12.12 -16.88 -3.28
C GLU B 26 -11.31 -18.05 -3.77
N ALA B 27 -10.92 -18.05 -5.05
CA ALA B 27 -10.19 -19.16 -5.63
C ALA B 27 -8.78 -19.28 -5.09
N VAL B 28 -8.18 -18.16 -4.69
CA VAL B 28 -6.84 -18.19 -4.14
C VAL B 28 -6.84 -18.30 -2.62
N SER B 29 -7.97 -18.05 -1.97
CA SER B 29 -8.13 -18.12 -0.53
C SER B 29 -8.76 -19.43 -0.05
N ALA B 30 -9.12 -20.33 -0.97
CA ALA B 30 -9.93 -21.50 -0.62
C ALA B 30 -9.23 -22.40 0.39
N ASN B 31 -7.94 -22.68 0.20
CA ASN B 31 -7.19 -23.43 1.20
C ASN B 31 -5.86 -22.72 1.40
N ALA B 32 -4.90 -23.42 2.01
CA ALA B 32 -3.59 -22.82 2.26
C ALA B 32 -2.73 -22.78 1.00
N THR B 33 -2.78 -23.82 0.17
CA THR B 33 -2.01 -23.89 -1.07
C THR B 33 -2.83 -23.63 -2.34
N ALA B 34 -4.11 -23.25 -2.22
CA ALA B 34 -4.93 -22.92 -3.38
C ALA B 34 -4.29 -21.85 -4.24
N ALA B 35 -3.39 -21.05 -3.66
CA ALA B 35 -2.59 -20.13 -4.45
C ALA B 35 -1.68 -20.89 -5.41
N THR B 36 -0.75 -21.68 -4.87
CA THR B 36 0.26 -22.30 -5.71
C THR B 36 -0.29 -23.40 -6.61
N THR B 37 -1.49 -23.94 -6.36
CA THR B 37 -2.04 -24.86 -7.34
C THR B 37 -2.55 -24.08 -8.54
N VAL B 38 -3.49 -23.16 -8.31
CA VAL B 38 -4.05 -22.33 -9.37
C VAL B 38 -2.93 -21.73 -10.23
N LEU B 39 -1.85 -21.35 -9.61
CA LEU B 39 -0.77 -20.82 -10.46
C LEU B 39 -0.16 -22.01 -11.20
N ARG B 40 0.05 -23.13 -10.52
CA ARG B 40 0.72 -24.26 -11.20
C ARG B 40 -0.12 -24.76 -12.38
N GLN B 41 -1.44 -24.82 -12.25
CA GLN B 41 -2.27 -25.33 -13.36
C GLN B 41 -2.07 -24.46 -14.59
N LEU B 42 -2.06 -23.14 -14.41
CA LEU B 42 -1.84 -22.24 -15.56
C LEU B 42 -0.42 -22.45 -16.07
N ASP B 43 0.54 -22.64 -15.18
CA ASP B 43 1.92 -22.82 -15.67
C ASP B 43 1.94 -24.08 -16.52
N MET B 44 1.35 -25.16 -16.02
CA MET B 44 1.29 -26.43 -16.79
C MET B 44 0.41 -26.24 -18.01
N GLU B 45 -0.69 -25.52 -17.90
CA GLU B 45 -1.52 -25.34 -19.12
C GLU B 45 -0.74 -24.58 -20.19
N LEU B 46 0.09 -23.62 -19.81
CA LEU B 46 0.86 -22.88 -20.83
C LEU B 46 1.84 -23.80 -21.54
N VAL B 47 2.61 -24.63 -20.84
CA VAL B 47 3.56 -25.44 -21.60
C VAL B 47 2.81 -26.40 -22.52
N SER B 48 1.61 -26.84 -22.14
CA SER B 48 0.74 -27.57 -23.04
C SER B 48 0.53 -26.84 -24.35
N VAL B 49 0.18 -25.56 -24.29
CA VAL B 49 -0.09 -24.82 -25.51
C VAL B 49 1.19 -24.51 -26.26
N LYS B 50 2.28 -24.22 -25.55
CA LYS B 50 3.50 -23.87 -26.27
C LYS B 50 3.95 -25.03 -27.15
N ARG B 51 3.85 -26.26 -26.66
CA ARG B 51 4.29 -27.37 -27.49
C ARG B 51 3.23 -27.81 -28.50
N GLN B 52 1.96 -27.48 -28.28
CA GLN B 52 0.98 -27.67 -29.35
C GLN B 52 1.27 -26.74 -30.51
N ILE B 53 1.79 -25.54 -30.23
CA ILE B 53 2.35 -24.69 -31.28
C ILE B 53 3.48 -25.42 -32.01
N GLN B 54 4.49 -25.88 -31.27
CA GLN B 54 5.61 -26.54 -31.93
C GLN B 54 5.15 -27.61 -32.90
N ASN B 55 3.99 -28.20 -32.64
CA ASN B 55 3.52 -29.37 -33.35
C ASN B 55 2.79 -29.00 -34.63
N ILE B 56 1.82 -28.09 -34.53
CA ILE B 56 1.18 -27.57 -35.73
C ILE B 56 2.14 -26.72 -36.55
N LYS B 57 3.14 -26.14 -35.90
CA LYS B 57 4.13 -25.40 -36.65
C LYS B 57 5.04 -26.37 -37.40
N GLN B 58 5.26 -27.55 -36.83
CA GLN B 58 6.01 -28.61 -37.51
C GLN B 58 5.20 -29.22 -38.66
N THR B 59 3.91 -29.47 -38.43
CA THR B 59 3.02 -29.95 -39.47
C THR B 59 2.96 -28.98 -40.64
N ASN B 60 2.73 -27.70 -40.37
CA ASN B 60 2.65 -26.72 -41.45
C ASN B 60 3.99 -26.49 -42.13
N SER B 61 5.09 -26.90 -41.50
CA SER B 61 6.36 -26.84 -42.20
C SER B 61 6.44 -27.89 -43.31
N ALA B 62 5.93 -29.09 -43.03
CA ALA B 62 5.89 -30.13 -44.06
C ALA B 62 4.95 -29.73 -45.21
N LEU B 63 3.77 -29.22 -44.88
CA LEU B 63 2.84 -28.84 -45.97
C LEU B 63 3.49 -27.78 -46.83
N LYS B 64 4.25 -26.88 -46.23
CA LYS B 64 4.88 -25.83 -47.07
C LYS B 64 5.88 -26.47 -48.03
N GLU B 65 6.61 -27.49 -47.60
CA GLU B 65 7.62 -28.14 -48.47
C GLU B 65 6.95 -28.72 -49.71
N LYS B 66 5.76 -29.31 -49.55
CA LYS B 66 5.01 -29.91 -50.67
C LYS B 66 4.66 -28.85 -51.71
N LEU B 67 4.37 -27.62 -51.31
CA LEU B 67 3.95 -26.60 -52.30
C LEU B 67 5.15 -25.90 -52.95
N ASP B 68 6.38 -26.32 -52.72
CA ASP B 68 7.48 -25.63 -53.40
C ASP B 68 7.26 -25.76 -54.90
N GLY B 69 7.39 -24.65 -55.60
CA GLY B 69 7.13 -24.55 -57.05
C GLY B 69 5.75 -23.96 -57.28
N GLY B 70 4.92 -23.96 -56.26
CA GLY B 70 3.57 -23.41 -56.43
C GLY B 70 2.86 -24.11 -57.56
N ILE B 71 2.27 -23.35 -58.46
CA ILE B 71 1.55 -23.92 -59.61
C ILE B 71 2.06 -23.20 -60.84
N GLU B 72 3.27 -22.69 -60.79
CA GLU B 72 3.79 -21.90 -61.93
C GLU B 72 3.91 -22.75 -63.19
N PRO B 73 4.36 -24.01 -63.15
CA PRO B 73 4.47 -24.81 -64.35
C PRO B 73 3.15 -25.24 -64.98
N TYR B 74 2.09 -25.21 -64.19
CA TYR B 74 0.73 -25.67 -64.56
C TYR B 74 -0.12 -24.48 -65.01
N ARG B 75 0.46 -23.32 -65.22
CA ARG B 75 -0.38 -22.16 -65.64
C ARG B 75 -0.49 -22.11 -67.16
N LEU B 76 -1.59 -21.57 -67.69
CA LEU B 76 -1.73 -21.45 -69.11
C LEU B 76 -1.79 -19.98 -69.47
N PRO B 77 -1.21 -19.60 -70.61
CA PRO B 77 -1.35 -18.21 -71.10
C PRO B 77 -2.81 -17.78 -71.12
N GLU B 78 -3.04 -16.50 -70.80
CA GLU B 78 -4.37 -15.93 -70.79
C GLU B 78 -4.81 -15.60 -72.21
N VAL B 79 -6.03 -15.99 -72.55
CA VAL B 79 -6.56 -15.83 -73.92
C VAL B 79 -7.20 -14.45 -73.99
N ILE B 80 -6.41 -13.46 -74.38
CA ILE B 80 -6.92 -12.13 -74.72
C ILE B 80 -7.61 -12.22 -76.08
N GLN B 81 -8.93 -12.06 -76.09
CA GLN B 81 -9.71 -12.32 -77.29
C GLN B 81 -10.93 -11.43 -77.31
N LYS B 82 -11.03 -10.60 -78.35
CA LYS B 82 -12.14 -9.67 -78.48
C LYS B 82 -13.46 -10.41 -78.64
N CYS B 83 -14.51 -9.84 -78.07
CA CYS B 83 -15.82 -10.44 -78.10
C CYS B 83 -16.43 -10.32 -79.50
N ASN B 84 -17.58 -11.00 -79.70
CA ASN B 84 -18.30 -11.02 -80.96
C ASN B 84 -19.73 -11.44 -80.66
N ALA B 85 -20.64 -11.08 -81.56
CA ALA B 85 -22.06 -11.38 -81.37
C ALA B 85 -22.63 -12.27 -82.46
N ARG B 86 -21.79 -12.74 -83.38
CA ARG B 86 -22.21 -13.64 -84.46
C ARG B 86 -21.89 -15.08 -84.05
N TRP B 87 -22.92 -15.92 -83.98
CA TRP B 87 -22.81 -17.32 -83.51
C TRP B 87 -22.47 -18.25 -84.67
N THR B 88 -21.18 -18.48 -84.93
CA THR B 88 -20.84 -19.50 -85.91
C THR B 88 -21.20 -20.91 -85.42
N THR B 89 -21.41 -21.80 -86.40
CA THR B 89 -21.92 -23.14 -86.12
C THR B 89 -21.07 -23.87 -85.07
N GLU B 90 -19.77 -23.68 -85.13
CA GLU B 90 -18.91 -24.38 -84.18
C GLU B 90 -19.20 -23.89 -82.77
N GLU B 91 -19.29 -22.56 -82.62
CA GLU B 91 -19.56 -21.96 -81.34
C GLU B 91 -20.89 -22.40 -80.80
N GLN B 92 -21.90 -22.55 -81.67
CA GLN B 92 -23.16 -23.09 -81.18
C GLN B 92 -22.94 -24.46 -80.56
N LEU B 93 -22.09 -25.30 -81.19
CA LEU B 93 -21.91 -26.66 -80.71
C LEU B 93 -21.06 -26.70 -79.45
N LEU B 94 -20.08 -25.82 -79.34
CA LEU B 94 -19.42 -25.65 -78.05
C LEU B 94 -20.45 -25.35 -76.96
N ALA B 95 -21.35 -24.41 -77.24
CA ALA B 95 -22.35 -23.96 -76.27
C ALA B 95 -23.16 -25.14 -75.71
N VAL B 96 -23.84 -25.87 -76.60
CA VAL B 96 -24.65 -27.02 -76.17
C VAL B 96 -23.86 -27.97 -75.27
N GLN B 97 -22.58 -28.19 -75.58
CA GLN B 97 -21.80 -29.07 -74.72
C GLN B 97 -21.48 -28.42 -73.38
N ALA B 98 -21.20 -27.11 -73.40
CA ALA B 98 -20.97 -26.38 -72.17
C ALA B 98 -22.22 -26.38 -71.30
N ILE B 99 -23.38 -26.20 -71.90
CA ILE B 99 -24.64 -26.35 -71.16
C ILE B 99 -24.72 -27.74 -70.54
N ARG B 100 -24.31 -28.76 -71.28
CA ARG B 100 -24.40 -30.12 -70.76
C ARG B 100 -23.45 -30.34 -69.59
N LYS B 101 -22.35 -29.63 -69.57
CA LYS B 101 -21.40 -29.92 -68.49
C LYS B 101 -21.40 -28.79 -67.48
N TYR B 102 -22.02 -27.67 -67.80
CA TYR B 102 -21.93 -26.59 -66.79
C TYR B 102 -23.30 -26.15 -66.29
N GLY B 103 -24.37 -26.81 -66.67
CA GLY B 103 -25.67 -26.33 -66.16
C GLY B 103 -25.94 -24.91 -66.59
N ARG B 104 -26.14 -23.99 -65.63
CA ARG B 104 -26.47 -22.59 -65.96
C ARG B 104 -25.34 -21.64 -65.59
N ASP B 105 -24.10 -22.11 -65.49
CA ASP B 105 -22.99 -21.23 -65.07
C ASP B 105 -22.48 -20.38 -66.24
N PHE B 106 -23.27 -19.39 -66.63
CA PHE B 106 -22.99 -18.53 -67.80
C PHE B 106 -21.56 -18.01 -67.83
N GLN B 107 -20.92 -17.77 -66.70
CA GLN B 107 -19.53 -17.29 -66.80
C GLN B 107 -18.66 -18.41 -67.38
N ALA B 108 -18.84 -19.64 -66.91
CA ALA B 108 -17.97 -20.71 -67.42
C ALA B 108 -18.25 -20.90 -68.89
N ILE B 109 -19.52 -20.92 -69.25
CA ILE B 109 -19.87 -21.15 -70.68
C ILE B 109 -19.27 -20.05 -71.53
N SER B 110 -19.37 -18.81 -71.09
CA SER B 110 -18.77 -17.74 -71.91
C SER B 110 -17.27 -17.96 -71.95
N ASP B 111 -16.70 -18.51 -70.90
CA ASP B 111 -15.25 -18.67 -70.92
C ASP B 111 -14.80 -19.79 -71.85
N VAL B 112 -15.66 -20.80 -72.05
CA VAL B 112 -15.37 -21.88 -72.98
C VAL B 112 -15.41 -21.39 -74.43
N ILE B 113 -16.53 -20.82 -74.85
CA ILE B 113 -16.67 -20.38 -76.23
C ILE B 113 -15.62 -19.33 -76.55
N GLY B 114 -15.31 -18.48 -75.57
CA GLY B 114 -14.28 -17.48 -75.74
C GLY B 114 -14.82 -16.15 -76.15
N ASN B 115 -15.33 -16.06 -77.39
CA ASN B 115 -15.67 -14.75 -77.92
C ASN B 115 -17.11 -14.36 -77.62
N LYS B 116 -17.83 -15.15 -76.82
CA LYS B 116 -19.15 -14.75 -76.41
C LYS B 116 -19.10 -14.25 -74.97
N SER B 117 -19.68 -13.08 -74.73
CA SER B 117 -19.80 -12.51 -73.40
C SER B 117 -21.02 -13.07 -72.66
N VAL B 118 -21.05 -12.82 -71.35
CA VAL B 118 -21.93 -13.56 -70.46
C VAL B 118 -23.40 -13.35 -70.82
N VAL B 119 -23.70 -12.26 -71.52
CA VAL B 119 -25.07 -11.84 -71.76
C VAL B 119 -25.69 -12.56 -72.95
N GLN B 120 -25.01 -12.63 -74.09
CA GLN B 120 -25.62 -13.35 -75.21
C GLN B 120 -25.61 -14.84 -74.96
N VAL B 121 -24.72 -15.32 -74.08
CA VAL B 121 -24.89 -16.67 -73.54
C VAL B 121 -26.27 -16.78 -72.88
N LYS B 122 -26.56 -15.87 -71.93
CA LYS B 122 -27.90 -15.80 -71.33
C LYS B 122 -28.97 -15.74 -72.42
N ASN B 123 -28.76 -14.87 -73.38
CA ASN B 123 -29.73 -14.68 -74.48
C ASN B 123 -29.86 -15.98 -75.26
N PHE B 124 -28.72 -16.63 -75.46
CA PHE B 124 -28.65 -17.82 -76.34
C PHE B 124 -29.61 -18.90 -75.87
N PHE B 125 -29.75 -19.12 -74.56
CA PHE B 125 -30.66 -20.19 -74.12
C PHE B 125 -32.07 -19.93 -74.62
N VAL B 126 -32.53 -18.70 -74.52
CA VAL B 126 -33.90 -18.43 -75.03
C VAL B 126 -33.94 -18.51 -76.55
N ASN B 127 -32.91 -18.00 -77.22
CA ASN B 127 -32.98 -17.99 -78.70
C ASN B 127 -33.05 -19.40 -79.28
N TYR B 128 -32.28 -20.35 -78.76
CA TYR B 128 -32.30 -21.69 -79.41
C TYR B 128 -33.02 -22.73 -78.56
N ARG B 129 -33.73 -22.31 -77.53
CA ARG B 129 -34.42 -23.18 -76.55
C ARG B 129 -35.11 -24.39 -77.19
N ARG B 130 -35.81 -24.18 -78.29
CA ARG B 130 -36.52 -25.29 -78.90
C ARG B 130 -35.64 -26.10 -79.85
N ARG B 131 -34.84 -25.40 -80.65
CA ARG B 131 -34.04 -26.04 -81.73
C ARG B 131 -32.92 -26.93 -81.19
N PHE B 132 -32.48 -26.65 -79.98
CA PHE B 132 -31.38 -27.34 -79.33
C PHE B 132 -31.83 -28.05 -78.07
N ASN B 133 -33.14 -28.31 -77.93
CA ASN B 133 -33.71 -29.01 -76.77
C ASN B 133 -33.05 -28.60 -75.46
N ILE B 134 -32.85 -27.28 -75.29
CA ILE B 134 -31.97 -26.80 -74.22
C ILE B 134 -32.55 -27.19 -72.87
N ASP B 135 -33.87 -27.34 -72.80
CA ASP B 135 -34.50 -27.90 -71.60
C ASP B 135 -33.94 -29.29 -71.29
N GLU B 136 -34.10 -30.21 -72.24
CA GLU B 136 -33.60 -31.57 -72.06
C GLU B 136 -32.13 -31.59 -71.66
N VAL B 137 -31.31 -30.76 -72.32
CA VAL B 137 -29.90 -30.70 -71.96
C VAL B 137 -29.74 -30.34 -70.49
N LEU B 138 -30.58 -29.45 -69.99
CA LEU B 138 -30.38 -29.09 -68.57
C LEU B 138 -30.92 -30.21 -67.70
N GLN B 139 -31.99 -30.86 -68.17
CA GLN B 139 -32.53 -31.99 -67.38
C GLN B 139 -31.46 -33.06 -67.26
N GLU B 140 -30.77 -33.37 -68.36
CA GLU B 140 -29.69 -34.39 -68.32
C GLU B 140 -28.60 -33.90 -67.37
N TRP B 141 -28.26 -32.61 -67.41
CA TRP B 141 -27.25 -32.04 -66.50
C TRP B 141 -27.72 -32.12 -65.06
N GLU B 142 -29.01 -31.93 -64.84
CA GLU B 142 -29.56 -32.00 -63.47
C GLU B 142 -29.36 -33.39 -62.90
N ALA B 143 -29.52 -34.44 -63.71
CA ALA B 143 -29.37 -35.80 -63.16
C ALA B 143 -27.98 -36.02 -62.58
N GLU B 144 -26.93 -35.52 -63.22
CA GLU B 144 -25.57 -35.69 -62.66
C GLU B 144 -25.43 -34.81 -61.42
#